data_1XSH
# 
_entry.id   1XSH 
# 
_audit_conform.dict_name       mmcif_pdbx.dic 
_audit_conform.dict_version    5.392 
_audit_conform.dict_location   http://mmcif.pdb.org/dictionaries/ascii/mmcif_pdbx.dic 
# 
loop_
_database_2.database_id 
_database_2.database_code 
_database_2.pdbx_database_accession 
_database_2.pdbx_DOI 
PDB   1XSH         pdb_00001xsh 10.2210/pdb1xsh/pdb 
RCSB  RCSB030716   ?            ?                   
WWPDB D_1000030716 ?            ?                   
# 
loop_
_pdbx_audit_revision_history.ordinal 
_pdbx_audit_revision_history.data_content_type 
_pdbx_audit_revision_history.major_revision 
_pdbx_audit_revision_history.minor_revision 
_pdbx_audit_revision_history.revision_date 
1 'Structure model' 1 0 2004-12-28 
2 'Structure model' 1 1 2008-04-30 
3 'Structure model' 1 2 2011-07-13 
4 'Structure model' 1 3 2022-03-02 
5 'Structure model' 1 4 2024-05-29 
# 
_pdbx_audit_revision_details.ordinal             1 
_pdbx_audit_revision_details.revision_ordinal    1 
_pdbx_audit_revision_details.data_content_type   'Structure model' 
_pdbx_audit_revision_details.provider            repository 
_pdbx_audit_revision_details.type                'Initial release' 
_pdbx_audit_revision_details.description         ? 
_pdbx_audit_revision_details.details             ? 
# 
loop_
_pdbx_audit_revision_group.ordinal 
_pdbx_audit_revision_group.revision_ordinal 
_pdbx_audit_revision_group.data_content_type 
_pdbx_audit_revision_group.group 
1 2 'Structure model' 'Version format compliance' 
2 3 'Structure model' 'Version format compliance' 
3 4 'Structure model' 'Data collection'           
4 4 'Structure model' 'Database references'       
5 4 'Structure model' 'Derived calculations'      
6 5 'Structure model' 'Data collection'           
# 
loop_
_pdbx_audit_revision_category.ordinal 
_pdbx_audit_revision_category.revision_ordinal 
_pdbx_audit_revision_category.data_content_type 
_pdbx_audit_revision_category.category 
1 4 'Structure model' database_2            
2 4 'Structure model' pdbx_nmr_software     
3 4 'Structure model' pdbx_struct_assembly  
4 4 'Structure model' pdbx_struct_oper_list 
5 5 'Structure model' chem_comp_atom        
6 5 'Structure model' chem_comp_bond        
# 
loop_
_pdbx_audit_revision_item.ordinal 
_pdbx_audit_revision_item.revision_ordinal 
_pdbx_audit_revision_item.data_content_type 
_pdbx_audit_revision_item.item 
1 4 'Structure model' '_database_2.pdbx_DOI'                
2 4 'Structure model' '_database_2.pdbx_database_accession' 
3 4 'Structure model' '_pdbx_nmr_software.name'             
# 
_pdbx_database_status.status_code                     REL 
_pdbx_database_status.entry_id                        1XSH 
_pdbx_database_status.recvd_initial_deposition_date   2004-10-19 
_pdbx_database_status.deposit_site                    RCSB 
_pdbx_database_status.process_site                    PDBJ 
_pdbx_database_status.SG_entry                        . 
_pdbx_database_status.pdb_format_compatible           Y 
_pdbx_database_status.status_code_mr                  ? 
_pdbx_database_status.status_code_sf                  ? 
_pdbx_database_status.status_code_cs                  ? 
_pdbx_database_status.status_code_nmr_data            ? 
_pdbx_database_status.methods_development_category    ? 
# 
loop_
_pdbx_database_related.db_name 
_pdbx_database_related.db_id 
_pdbx_database_related.details 
_pdbx_database_related.content_type 
PDB 1F6Z 'Solution structure of RNase P RNA P4 C70U mutant oligoribonucleotide'         unspecified 
PDB 1F6X 'Solution structure of wildtype RNase P RNA P4 oligoribonucleotide'            unspecified 
PDB 1XSG 'Solution structure of RNase P RNA P4 stem oligoribonucleotide, U69A mutation' unspecified 
# 
_audit_author.name           'Schmitz, M.' 
_audit_author.pdbx_ordinal   1 
# 
_citation.id                        primary 
_citation.title                     
;Change of RNase P RNA function by single base mutation correlates with perturbation of metal ion binding in P4 as determined by NMR spectroscopy
;
_citation.journal_abbrev            'Nucleic Acids Res.' 
_citation.journal_volume            32 
_citation.page_first                6358 
_citation.page_last                 6366 
_citation.year                      2004 
_citation.journal_id_ASTM           NARHAD 
_citation.country                   UK 
_citation.journal_id_ISSN           0305-1048 
_citation.journal_id_CSD            0389 
_citation.book_publisher            ? 
_citation.pdbx_database_id_PubMed   15576680 
_citation.pdbx_database_id_DOI      10.1093/nar/gkh961 
# 
_citation_author.citation_id        primary 
_citation_author.name               'Schmitz, M.' 
_citation_author.ordinal            1 
_citation_author.identifier_ORCID   ? 
# 
_entity.id                         1 
_entity.type                       polymer 
_entity.src_method                 syn 
_entity.pdbx_description           'RNase P RNA P4 stem' 
_entity.formula_weight             8633.143 
_entity.pdbx_number_of_molecules   1 
_entity.pdbx_ec                    ? 
_entity.pdbx_mutation              ? 
_entity.pdbx_fragment              ? 
_entity.details                    ? 
# 
_entity_poly.entity_id                      1 
_entity_poly.type                           polyribonucleotide 
_entity_poly.nstd_linkage                   no 
_entity_poly.nstd_monomer                   no 
_entity_poly.pdbx_seq_one_letter_code       GGAAGCUCGGUCUUCGGACCGGCUUCC 
_entity_poly.pdbx_seq_one_letter_code_can   GGAAGCUCGGUCUUCGGACCGGCUUCC 
_entity_poly.pdbx_strand_id                 A 
_entity_poly.pdbx_target_identifier         ? 
# 
loop_
_entity_poly_seq.entity_id 
_entity_poly_seq.num 
_entity_poly_seq.mon_id 
_entity_poly_seq.hetero 
1 1  G n 
1 2  G n 
1 3  A n 
1 4  A n 
1 5  G n 
1 6  C n 
1 7  U n 
1 8  C n 
1 9  G n 
1 10 G n 
1 11 U n 
1 12 C n 
1 13 U n 
1 14 U n 
1 15 C n 
1 16 G n 
1 17 G n 
1 18 A n 
1 19 C n 
1 20 C n 
1 21 G n 
1 22 G n 
1 23 C n 
1 24 U n 
1 25 U n 
1 26 C n 
1 27 C n 
# 
_pdbx_entity_src_syn.entity_id              1 
_pdbx_entity_src_syn.pdbx_src_id            1 
_pdbx_entity_src_syn.pdbx_alt_source_flag   sample 
_pdbx_entity_src_syn.pdbx_beg_seq_num       ? 
_pdbx_entity_src_syn.pdbx_end_seq_num       ? 
_pdbx_entity_src_syn.organism_scientific    ? 
_pdbx_entity_src_syn.organism_common_name   ? 
_pdbx_entity_src_syn.ncbi_taxonomy_id       ? 
_pdbx_entity_src_syn.details                'enzymatically synthesized from DNA oligonucleotide template by T7 RNA polymerase' 
# 
loop_
_chem_comp.id 
_chem_comp.type 
_chem_comp.mon_nstd_flag 
_chem_comp.name 
_chem_comp.pdbx_synonyms 
_chem_comp.formula 
_chem_comp.formula_weight 
A 'RNA linking' y "ADENOSINE-5'-MONOPHOSPHATE" ? 'C10 H14 N5 O7 P' 347.221 
C 'RNA linking' y "CYTIDINE-5'-MONOPHOSPHATE"  ? 'C9 H14 N3 O8 P'  323.197 
G 'RNA linking' y "GUANOSINE-5'-MONOPHOSPHATE" ? 'C10 H14 N5 O8 P' 363.221 
U 'RNA linking' y "URIDINE-5'-MONOPHOSPHATE"   ? 'C9 H13 N2 O9 P'  324.181 
# 
loop_
_pdbx_poly_seq_scheme.asym_id 
_pdbx_poly_seq_scheme.entity_id 
_pdbx_poly_seq_scheme.seq_id 
_pdbx_poly_seq_scheme.mon_id 
_pdbx_poly_seq_scheme.ndb_seq_num 
_pdbx_poly_seq_scheme.pdb_seq_num 
_pdbx_poly_seq_scheme.auth_seq_num 
_pdbx_poly_seq_scheme.pdb_mon_id 
_pdbx_poly_seq_scheme.auth_mon_id 
_pdbx_poly_seq_scheme.pdb_strand_id 
_pdbx_poly_seq_scheme.pdb_ins_code 
_pdbx_poly_seq_scheme.hetero 
A 1 1  G 1  1  1  G G A . n 
A 1 2  G 2  2  2  G G A . n 
A 1 3  A 3  3  3  A A A . n 
A 1 4  A 4  4  4  A A A . n 
A 1 5  G 5  5  5  G G A . n 
A 1 6  C 6  6  6  C C A . n 
A 1 7  U 7  7  7  U U A . n 
A 1 8  C 8  8  8  C C A . n 
A 1 9  G 9  9  9  G G A . n 
A 1 10 G 10 10 10 G G A . n 
A 1 11 U 11 11 11 U U A . n 
A 1 12 C 12 12 12 C C A . n 
A 1 13 U 13 13 13 U U A . n 
A 1 14 U 14 14 14 U U A . n 
A 1 15 C 15 15 15 C C A . n 
A 1 16 G 16 16 16 G G A . n 
A 1 17 G 17 17 17 G G A . n 
A 1 18 A 18 18 18 A A A . n 
A 1 19 C 19 19 19 C C A . n 
A 1 20 C 20 20 20 C C A . n 
A 1 21 G 21 21 21 G G A . n 
A 1 22 G 22 22 22 G G A . n 
A 1 23 C 23 23 23 C C A . n 
A 1 24 U 24 24 24 U U A . n 
A 1 25 U 25 25 25 U U A . n 
A 1 26 C 26 26 26 C C A . n 
A 1 27 C 27 27 27 C C A . n 
# 
_exptl.entry_id          1XSH 
_exptl.method            'SOLUTION NMR' 
_exptl.crystals_number   ? 
# 
_exptl_crystal.id                    1 
_exptl_crystal.density_meas          ? 
_exptl_crystal.density_Matthews      ? 
_exptl_crystal.density_percent_sol   ? 
_exptl_crystal.description           ? 
# 
_diffrn.id                     1 
_diffrn.ambient_temp           ? 
_diffrn.ambient_temp_details   ? 
_diffrn.crystal_id             1 
# 
_diffrn_radiation.diffrn_id                        1 
_diffrn_radiation.wavelength_id                    1 
_diffrn_radiation.pdbx_monochromatic_or_laue_m_l   M 
_diffrn_radiation.monochromator                    ? 
_diffrn_radiation.pdbx_diffrn_protocol             'SINGLE WAVELENGTH' 
_diffrn_radiation.pdbx_scattering_type             ? 
# 
_diffrn_radiation_wavelength.id           1 
_diffrn_radiation_wavelength.wavelength   . 
_diffrn_radiation_wavelength.wt           1.0 
# 
_struct.entry_id                  1XSH 
_struct.title                     'Solution structure of E.coli RNase P RNA P4 stem oligoribonucleotide, U69C/C70U mutation' 
_struct.pdbx_model_details        ? 
_struct.pdbx_CASP_flag            ? 
_struct.pdbx_model_type_details   'minimized average' 
# 
_struct_keywords.entry_id        1XSH 
_struct_keywords.pdbx_keywords   RNA 
_struct_keywords.text            
'Ribonuclease P RNA, Ribozyme, transfer RNA processing, P4 stem, U69C/C70U mutant, metal binding site, RNA' 
# 
_struct_asym.id                            A 
_struct_asym.pdbx_blank_PDB_chainid_flag   N 
_struct_asym.pdbx_modified                 N 
_struct_asym.entity_id                     1 
_struct_asym.details                       ? 
# 
_struct_ref.id                         1 
_struct_ref.entity_id                  1 
_struct_ref.db_name                    PDB 
_struct_ref.db_code                    1XSH 
_struct_ref.pdbx_db_accession          1XSH 
_struct_ref.pdbx_db_isoform            ? 
_struct_ref.pdbx_seq_one_letter_code   ? 
_struct_ref.pdbx_align_begin           ? 
# 
_struct_ref_seq.align_id                      1 
_struct_ref_seq.ref_id                        1 
_struct_ref_seq.pdbx_PDB_id_code              1XSH 
_struct_ref_seq.pdbx_strand_id                A 
_struct_ref_seq.seq_align_beg                 1 
_struct_ref_seq.pdbx_seq_align_beg_ins_code   ? 
_struct_ref_seq.seq_align_end                 27 
_struct_ref_seq.pdbx_seq_align_end_ins_code   ? 
_struct_ref_seq.pdbx_db_accession             1XSH 
_struct_ref_seq.db_align_beg                  1 
_struct_ref_seq.pdbx_db_align_beg_ins_code    ? 
_struct_ref_seq.db_align_end                  27 
_struct_ref_seq.pdbx_db_align_end_ins_code    ? 
_struct_ref_seq.pdbx_auth_seq_align_beg       1 
_struct_ref_seq.pdbx_auth_seq_align_end       27 
# 
_pdbx_struct_assembly.id                   1 
_pdbx_struct_assembly.details              author_defined_assembly 
_pdbx_struct_assembly.method_details       ? 
_pdbx_struct_assembly.oligomeric_details   monomeric 
_pdbx_struct_assembly.oligomeric_count     1 
# 
_pdbx_struct_assembly_gen.assembly_id       1 
_pdbx_struct_assembly_gen.oper_expression   1 
_pdbx_struct_assembly_gen.asym_id_list      A 
# 
_pdbx_struct_oper_list.id                   1 
_pdbx_struct_oper_list.type                 'identity operation' 
_pdbx_struct_oper_list.name                 1_555 
_pdbx_struct_oper_list.symmetry_operation   x,y,z 
_pdbx_struct_oper_list.matrix[1][1]         1.0000000000 
_pdbx_struct_oper_list.matrix[1][2]         0.0000000000 
_pdbx_struct_oper_list.matrix[1][3]         0.0000000000 
_pdbx_struct_oper_list.vector[1]            0.0000000000 
_pdbx_struct_oper_list.matrix[2][1]         0.0000000000 
_pdbx_struct_oper_list.matrix[2][2]         1.0000000000 
_pdbx_struct_oper_list.matrix[2][3]         0.0000000000 
_pdbx_struct_oper_list.vector[2]            0.0000000000 
_pdbx_struct_oper_list.matrix[3][1]         0.0000000000 
_pdbx_struct_oper_list.matrix[3][2]         0.0000000000 
_pdbx_struct_oper_list.matrix[3][3]         1.0000000000 
_pdbx_struct_oper_list.vector[3]            0.0000000000 
# 
_struct_biol.id   1 
# 
loop_
_struct_conn.id 
_struct_conn.conn_type_id 
_struct_conn.pdbx_leaving_atom_flag 
_struct_conn.pdbx_PDB_id 
_struct_conn.ptnr1_label_asym_id 
_struct_conn.ptnr1_label_comp_id 
_struct_conn.ptnr1_label_seq_id 
_struct_conn.ptnr1_label_atom_id 
_struct_conn.pdbx_ptnr1_label_alt_id 
_struct_conn.pdbx_ptnr1_PDB_ins_code 
_struct_conn.pdbx_ptnr1_standard_comp_id 
_struct_conn.ptnr1_symmetry 
_struct_conn.ptnr2_label_asym_id 
_struct_conn.ptnr2_label_comp_id 
_struct_conn.ptnr2_label_seq_id 
_struct_conn.ptnr2_label_atom_id 
_struct_conn.pdbx_ptnr2_label_alt_id 
_struct_conn.pdbx_ptnr2_PDB_ins_code 
_struct_conn.ptnr1_auth_asym_id 
_struct_conn.ptnr1_auth_comp_id 
_struct_conn.ptnr1_auth_seq_id 
_struct_conn.ptnr2_auth_asym_id 
_struct_conn.ptnr2_auth_comp_id 
_struct_conn.ptnr2_auth_seq_id 
_struct_conn.ptnr2_symmetry 
_struct_conn.pdbx_ptnr3_label_atom_id 
_struct_conn.pdbx_ptnr3_label_seq_id 
_struct_conn.pdbx_ptnr3_label_comp_id 
_struct_conn.pdbx_ptnr3_label_asym_id 
_struct_conn.pdbx_ptnr3_label_alt_id 
_struct_conn.pdbx_ptnr3_PDB_ins_code 
_struct_conn.details 
_struct_conn.pdbx_dist_value 
_struct_conn.pdbx_value_order 
_struct_conn.pdbx_role 
hydrog1  hydrog ? ? A G 2  N1 ? ? ? 1_555 A C 26 N3 ? ? A G 2  A C 26 1_555 ? ? ? ? ? ? WATSON-CRICK  ? ? ? 
hydrog2  hydrog ? ? A G 2  N2 ? ? ? 1_555 A C 26 O2 ? ? A G 2  A C 26 1_555 ? ? ? ? ? ? WATSON-CRICK  ? ? ? 
hydrog3  hydrog ? ? A G 2  O6 ? ? ? 1_555 A C 26 N4 ? ? A G 2  A C 26 1_555 ? ? ? ? ? ? WATSON-CRICK  ? ? ? 
hydrog4  hydrog ? ? A A 3  N1 ? ? ? 1_555 A U 25 N3 ? ? A A 3  A U 25 1_555 ? ? ? ? ? ? WATSON-CRICK  ? ? ? 
hydrog5  hydrog ? ? A A 3  N6 ? ? ? 1_555 A U 25 O4 ? ? A A 3  A U 25 1_555 ? ? ? ? ? ? WATSON-CRICK  ? ? ? 
hydrog6  hydrog ? ? A A 4  N1 ? ? ? 1_555 A U 24 N3 ? ? A A 4  A U 24 1_555 ? ? ? ? ? ? WATSON-CRICK  ? ? ? 
hydrog7  hydrog ? ? A A 4  N6 ? ? ? 1_555 A U 24 O4 ? ? A A 4  A U 24 1_555 ? ? ? ? ? ? WATSON-CRICK  ? ? ? 
hydrog8  hydrog ? ? A G 5  N1 ? ? ? 1_555 A C 23 N3 ? ? A G 5  A C 23 1_555 ? ? ? ? ? ? WATSON-CRICK  ? ? ? 
hydrog9  hydrog ? ? A G 5  N2 ? ? ? 1_555 A C 23 O2 ? ? A G 5  A C 23 1_555 ? ? ? ? ? ? WATSON-CRICK  ? ? ? 
hydrog10 hydrog ? ? A G 5  O6 ? ? ? 1_555 A C 23 N4 ? ? A G 5  A C 23 1_555 ? ? ? ? ? ? WATSON-CRICK  ? ? ? 
hydrog11 hydrog ? ? A C 6  N3 ? ? ? 1_555 A G 22 N1 ? ? A C 6  A G 22 1_555 ? ? ? ? ? ? WATSON-CRICK  ? ? ? 
hydrog12 hydrog ? ? A C 6  N4 ? ? ? 1_555 A G 22 O6 ? ? A C 6  A G 22 1_555 ? ? ? ? ? ? WATSON-CRICK  ? ? ? 
hydrog13 hydrog ? ? A C 6  O2 ? ? ? 1_555 A G 22 N2 ? ? A C 6  A G 22 1_555 ? ? ? ? ? ? WATSON-CRICK  ? ? ? 
hydrog14 hydrog ? ? A C 8  N3 ? ? ? 1_555 A G 21 N1 ? ? A C 8  A G 21 1_555 ? ? ? ? ? ? WATSON-CRICK  ? ? ? 
hydrog15 hydrog ? ? A C 8  N4 ? ? ? 1_555 A G 21 O6 ? ? A C 8  A G 21 1_555 ? ? ? ? ? ? WATSON-CRICK  ? ? ? 
hydrog16 hydrog ? ? A C 8  O2 ? ? ? 1_555 A G 21 N2 ? ? A C 8  A G 21 1_555 ? ? ? ? ? ? WATSON-CRICK  ? ? ? 
hydrog17 hydrog ? ? A C 8  O2 ? ? ? 1_555 A G 22 N2 ? ? A C 8  A G 22 1_555 ? ? ? ? ? ? 'C-G PAIR'    ? ? ? 
hydrog18 hydrog ? ? A G 9  N1 ? ? ? 1_555 A C 20 N3 ? ? A G 9  A C 20 1_555 ? ? ? ? ? ? WATSON-CRICK  ? ? ? 
hydrog19 hydrog ? ? A G 9  N2 ? ? ? 1_555 A C 20 O2 ? ? A G 9  A C 20 1_555 ? ? ? ? ? ? WATSON-CRICK  ? ? ? 
hydrog20 hydrog ? ? A G 9  O6 ? ? ? 1_555 A C 20 N4 ? ? A G 9  A C 20 1_555 ? ? ? ? ? ? WATSON-CRICK  ? ? ? 
hydrog21 hydrog ? ? A G 10 N1 ? ? ? 1_555 A C 19 N3 ? ? A G 10 A C 19 1_555 ? ? ? ? ? ? WATSON-CRICK  ? ? ? 
hydrog22 hydrog ? ? A G 10 N2 ? ? ? 1_555 A C 19 O2 ? ? A G 10 A C 19 1_555 ? ? ? ? ? ? WATSON-CRICK  ? ? ? 
hydrog23 hydrog ? ? A G 10 O6 ? ? ? 1_555 A C 19 N4 ? ? A G 10 A C 19 1_555 ? ? ? ? ? ? WATSON-CRICK  ? ? ? 
hydrog24 hydrog ? ? A U 11 N3 ? ? ? 1_555 A A 18 N1 ? ? A U 11 A A 18 1_555 ? ? ? ? ? ? WATSON-CRICK  ? ? ? 
hydrog25 hydrog ? ? A U 11 O4 ? ? ? 1_555 A A 18 N6 ? ? A U 11 A A 18 1_555 ? ? ? ? ? ? WATSON-CRICK  ? ? ? 
hydrog26 hydrog ? ? A C 12 N3 ? ? ? 1_555 A G 17 N1 ? ? A C 12 A G 17 1_555 ? ? ? ? ? ? WATSON-CRICK  ? ? ? 
hydrog27 hydrog ? ? A C 12 N4 ? ? ? 1_555 A G 17 O6 ? ? A C 12 A G 17 1_555 ? ? ? ? ? ? WATSON-CRICK  ? ? ? 
hydrog28 hydrog ? ? A C 12 O2 ? ? ? 1_555 A G 17 N2 ? ? A C 12 A G 17 1_555 ? ? ? ? ? ? WATSON-CRICK  ? ? ? 
hydrog29 hydrog ? ? A U 13 O2 ? ? ? 1_555 A G 16 N1 ? ? A U 13 A G 16 1_555 ? ? ? ? ? ? 'U-G MISPAIR' ? ? ? 
# 
_struct_conn_type.id          hydrog 
_struct_conn_type.criteria    ? 
_struct_conn_type.reference   ? 
# 
_pdbx_nmr_ensemble.entry_id                             1XSH 
_pdbx_nmr_ensemble.conformers_calculated_total_number   ? 
_pdbx_nmr_ensemble.conformers_submitted_total_number    1 
_pdbx_nmr_ensemble.conformer_selection_criteria         ? 
# 
_pdbx_nmr_representative.entry_id             1XSH 
_pdbx_nmr_representative.conformer_id         1 
_pdbx_nmr_representative.selection_criteria   'minimized average structure' 
# 
loop_
_pdbx_nmr_sample_details.solution_id 
_pdbx_nmr_sample_details.contents 
_pdbx_nmr_sample_details.solvent_system 
1 '2mM P4 U69C/C70U RNA; 100mM NaCl; 10mM phosphate buffer pH 6.4; 90% H2O, 10% D2O' '90% H2O/10% D2O' 
2 '2mM P4 U69C/C70U RNA; 100mM NaCl; 10mM phosphate buffer pH 6.4; 100% D2O'         '100% D2O'        
# 
_pdbx_nmr_exptl_sample_conditions.conditions_id       1 
_pdbx_nmr_exptl_sample_conditions.temperature         288 
_pdbx_nmr_exptl_sample_conditions.pressure            ambient 
_pdbx_nmr_exptl_sample_conditions.pH                  6.4 
_pdbx_nmr_exptl_sample_conditions.ionic_strength      '100mM NaCl' 
_pdbx_nmr_exptl_sample_conditions.pressure_units      ? 
_pdbx_nmr_exptl_sample_conditions.temperature_units   K 
# 
loop_
_pdbx_nmr_exptl.experiment_id 
_pdbx_nmr_exptl.solution_id 
_pdbx_nmr_exptl.conditions_id 
_pdbx_nmr_exptl.type 
1 1 1 '2D NOESY'                
2 2 1 '2D NOESY'                
3 2 1 DQF-COSY                  
4 2 1 31P-1H-Hetero-COSY        
5 2 1 31P-1H-Hetero-TOCSY-NOESY 
# 
_pdbx_nmr_details.entry_id   1XSH 
_pdbx_nmr_details.text       
;The structure was determined using standard 2D homonuclear techniques as well as 13C and 31P heteronuclear experiments performed at natural abundance
;
# 
_pdbx_nmr_refine.entry_id           1XSH 
_pdbx_nmr_refine.method             'restrained molecular dynamics and simulated annealing' 
_pdbx_nmr_refine.details            
;The average structure is based on the superposition of 14 structures after refinement. The average RMS deviation between the ensemble and the average structure is 1.77 Angstrom. A total of 261 NOE-derived distance constraints, 246 dihedral restraints and 48 distance restraints from hydrogen bonds were used in refinement.
;
_pdbx_nmr_refine.software_ordinal   1 
# 
loop_
_pdbx_nmr_software.name 
_pdbx_nmr_software.version 
_pdbx_nmr_software.classification 
_pdbx_nmr_software.authors 
_pdbx_nmr_software.ordinal 
XwinNMR 1.2 collection           Bruker        1 
NMRPipe 2.1 processing           'F. Delaglio' 2 
X-PLOR  3.1 'structure solution' ?             3 
X-PLOR  3.1 refinement           ?             4 
# 
loop_
_chem_comp_atom.comp_id 
_chem_comp_atom.atom_id 
_chem_comp_atom.type_symbol 
_chem_comp_atom.pdbx_aromatic_flag 
_chem_comp_atom.pdbx_stereo_config 
_chem_comp_atom.pdbx_ordinal 
A OP3    O N N 1   
A P      P N N 2   
A OP1    O N N 3   
A OP2    O N N 4   
A "O5'"  O N N 5   
A "C5'"  C N N 6   
A "C4'"  C N R 7   
A "O4'"  O N N 8   
A "C3'"  C N S 9   
A "O3'"  O N N 10  
A "C2'"  C N R 11  
A "O2'"  O N N 12  
A "C1'"  C N R 13  
A N9     N Y N 14  
A C8     C Y N 15  
A N7     N Y N 16  
A C5     C Y N 17  
A C6     C Y N 18  
A N6     N N N 19  
A N1     N Y N 20  
A C2     C Y N 21  
A N3     N Y N 22  
A C4     C Y N 23  
A HOP3   H N N 24  
A HOP2   H N N 25  
A "H5'"  H N N 26  
A "H5''" H N N 27  
A "H4'"  H N N 28  
A "H3'"  H N N 29  
A "HO3'" H N N 30  
A "H2'"  H N N 31  
A "HO2'" H N N 32  
A "H1'"  H N N 33  
A H8     H N N 34  
A H61    H N N 35  
A H62    H N N 36  
A H2     H N N 37  
C OP3    O N N 38  
C P      P N N 39  
C OP1    O N N 40  
C OP2    O N N 41  
C "O5'"  O N N 42  
C "C5'"  C N N 43  
C "C4'"  C N R 44  
C "O4'"  O N N 45  
C "C3'"  C N S 46  
C "O3'"  O N N 47  
C "C2'"  C N R 48  
C "O2'"  O N N 49  
C "C1'"  C N R 50  
C N1     N N N 51  
C C2     C N N 52  
C O2     O N N 53  
C N3     N N N 54  
C C4     C N N 55  
C N4     N N N 56  
C C5     C N N 57  
C C6     C N N 58  
C HOP3   H N N 59  
C HOP2   H N N 60  
C "H5'"  H N N 61  
C "H5''" H N N 62  
C "H4'"  H N N 63  
C "H3'"  H N N 64  
C "HO3'" H N N 65  
C "H2'"  H N N 66  
C "HO2'" H N N 67  
C "H1'"  H N N 68  
C H41    H N N 69  
C H42    H N N 70  
C H5     H N N 71  
C H6     H N N 72  
G OP3    O N N 73  
G P      P N N 74  
G OP1    O N N 75  
G OP2    O N N 76  
G "O5'"  O N N 77  
G "C5'"  C N N 78  
G "C4'"  C N R 79  
G "O4'"  O N N 80  
G "C3'"  C N S 81  
G "O3'"  O N N 82  
G "C2'"  C N R 83  
G "O2'"  O N N 84  
G "C1'"  C N R 85  
G N9     N Y N 86  
G C8     C Y N 87  
G N7     N Y N 88  
G C5     C Y N 89  
G C6     C N N 90  
G O6     O N N 91  
G N1     N N N 92  
G C2     C N N 93  
G N2     N N N 94  
G N3     N N N 95  
G C4     C Y N 96  
G HOP3   H N N 97  
G HOP2   H N N 98  
G "H5'"  H N N 99  
G "H5''" H N N 100 
G "H4'"  H N N 101 
G "H3'"  H N N 102 
G "HO3'" H N N 103 
G "H2'"  H N N 104 
G "HO2'" H N N 105 
G "H1'"  H N N 106 
G H8     H N N 107 
G H1     H N N 108 
G H21    H N N 109 
G H22    H N N 110 
U OP3    O N N 111 
U P      P N N 112 
U OP1    O N N 113 
U OP2    O N N 114 
U "O5'"  O N N 115 
U "C5'"  C N N 116 
U "C4'"  C N R 117 
U "O4'"  O N N 118 
U "C3'"  C N S 119 
U "O3'"  O N N 120 
U "C2'"  C N R 121 
U "O2'"  O N N 122 
U "C1'"  C N R 123 
U N1     N N N 124 
U C2     C N N 125 
U O2     O N N 126 
U N3     N N N 127 
U C4     C N N 128 
U O4     O N N 129 
U C5     C N N 130 
U C6     C N N 131 
U HOP3   H N N 132 
U HOP2   H N N 133 
U "H5'"  H N N 134 
U "H5''" H N N 135 
U "H4'"  H N N 136 
U "H3'"  H N N 137 
U "HO3'" H N N 138 
U "H2'"  H N N 139 
U "HO2'" H N N 140 
U "H1'"  H N N 141 
U H3     H N N 142 
U H5     H N N 143 
U H6     H N N 144 
# 
loop_
_chem_comp_bond.comp_id 
_chem_comp_bond.atom_id_1 
_chem_comp_bond.atom_id_2 
_chem_comp_bond.value_order 
_chem_comp_bond.pdbx_aromatic_flag 
_chem_comp_bond.pdbx_stereo_config 
_chem_comp_bond.pdbx_ordinal 
A OP3   P      sing N N 1   
A OP3   HOP3   sing N N 2   
A P     OP1    doub N N 3   
A P     OP2    sing N N 4   
A P     "O5'"  sing N N 5   
A OP2   HOP2   sing N N 6   
A "O5'" "C5'"  sing N N 7   
A "C5'" "C4'"  sing N N 8   
A "C5'" "H5'"  sing N N 9   
A "C5'" "H5''" sing N N 10  
A "C4'" "O4'"  sing N N 11  
A "C4'" "C3'"  sing N N 12  
A "C4'" "H4'"  sing N N 13  
A "O4'" "C1'"  sing N N 14  
A "C3'" "O3'"  sing N N 15  
A "C3'" "C2'"  sing N N 16  
A "C3'" "H3'"  sing N N 17  
A "O3'" "HO3'" sing N N 18  
A "C2'" "O2'"  sing N N 19  
A "C2'" "C1'"  sing N N 20  
A "C2'" "H2'"  sing N N 21  
A "O2'" "HO2'" sing N N 22  
A "C1'" N9     sing N N 23  
A "C1'" "H1'"  sing N N 24  
A N9    C8     sing Y N 25  
A N9    C4     sing Y N 26  
A C8    N7     doub Y N 27  
A C8    H8     sing N N 28  
A N7    C5     sing Y N 29  
A C5    C6     sing Y N 30  
A C5    C4     doub Y N 31  
A C6    N6     sing N N 32  
A C6    N1     doub Y N 33  
A N6    H61    sing N N 34  
A N6    H62    sing N N 35  
A N1    C2     sing Y N 36  
A C2    N3     doub Y N 37  
A C2    H2     sing N N 38  
A N3    C4     sing Y N 39  
C OP3   P      sing N N 40  
C OP3   HOP3   sing N N 41  
C P     OP1    doub N N 42  
C P     OP2    sing N N 43  
C P     "O5'"  sing N N 44  
C OP2   HOP2   sing N N 45  
C "O5'" "C5'"  sing N N 46  
C "C5'" "C4'"  sing N N 47  
C "C5'" "H5'"  sing N N 48  
C "C5'" "H5''" sing N N 49  
C "C4'" "O4'"  sing N N 50  
C "C4'" "C3'"  sing N N 51  
C "C4'" "H4'"  sing N N 52  
C "O4'" "C1'"  sing N N 53  
C "C3'" "O3'"  sing N N 54  
C "C3'" "C2'"  sing N N 55  
C "C3'" "H3'"  sing N N 56  
C "O3'" "HO3'" sing N N 57  
C "C2'" "O2'"  sing N N 58  
C "C2'" "C1'"  sing N N 59  
C "C2'" "H2'"  sing N N 60  
C "O2'" "HO2'" sing N N 61  
C "C1'" N1     sing N N 62  
C "C1'" "H1'"  sing N N 63  
C N1    C2     sing N N 64  
C N1    C6     sing N N 65  
C C2    O2     doub N N 66  
C C2    N3     sing N N 67  
C N3    C4     doub N N 68  
C C4    N4     sing N N 69  
C C4    C5     sing N N 70  
C N4    H41    sing N N 71  
C N4    H42    sing N N 72  
C C5    C6     doub N N 73  
C C5    H5     sing N N 74  
C C6    H6     sing N N 75  
G OP3   P      sing N N 76  
G OP3   HOP3   sing N N 77  
G P     OP1    doub N N 78  
G P     OP2    sing N N 79  
G P     "O5'"  sing N N 80  
G OP2   HOP2   sing N N 81  
G "O5'" "C5'"  sing N N 82  
G "C5'" "C4'"  sing N N 83  
G "C5'" "H5'"  sing N N 84  
G "C5'" "H5''" sing N N 85  
G "C4'" "O4'"  sing N N 86  
G "C4'" "C3'"  sing N N 87  
G "C4'" "H4'"  sing N N 88  
G "O4'" "C1'"  sing N N 89  
G "C3'" "O3'"  sing N N 90  
G "C3'" "C2'"  sing N N 91  
G "C3'" "H3'"  sing N N 92  
G "O3'" "HO3'" sing N N 93  
G "C2'" "O2'"  sing N N 94  
G "C2'" "C1'"  sing N N 95  
G "C2'" "H2'"  sing N N 96  
G "O2'" "HO2'" sing N N 97  
G "C1'" N9     sing N N 98  
G "C1'" "H1'"  sing N N 99  
G N9    C8     sing Y N 100 
G N9    C4     sing Y N 101 
G C8    N7     doub Y N 102 
G C8    H8     sing N N 103 
G N7    C5     sing Y N 104 
G C5    C6     sing N N 105 
G C5    C4     doub Y N 106 
G C6    O6     doub N N 107 
G C6    N1     sing N N 108 
G N1    C2     sing N N 109 
G N1    H1     sing N N 110 
G C2    N2     sing N N 111 
G C2    N3     doub N N 112 
G N2    H21    sing N N 113 
G N2    H22    sing N N 114 
G N3    C4     sing N N 115 
U OP3   P      sing N N 116 
U OP3   HOP3   sing N N 117 
U P     OP1    doub N N 118 
U P     OP2    sing N N 119 
U P     "O5'"  sing N N 120 
U OP2   HOP2   sing N N 121 
U "O5'" "C5'"  sing N N 122 
U "C5'" "C4'"  sing N N 123 
U "C5'" "H5'"  sing N N 124 
U "C5'" "H5''" sing N N 125 
U "C4'" "O4'"  sing N N 126 
U "C4'" "C3'"  sing N N 127 
U "C4'" "H4'"  sing N N 128 
U "O4'" "C1'"  sing N N 129 
U "C3'" "O3'"  sing N N 130 
U "C3'" "C2'"  sing N N 131 
U "C3'" "H3'"  sing N N 132 
U "O3'" "HO3'" sing N N 133 
U "C2'" "O2'"  sing N N 134 
U "C2'" "C1'"  sing N N 135 
U "C2'" "H2'"  sing N N 136 
U "O2'" "HO2'" sing N N 137 
U "C1'" N1     sing N N 138 
U "C1'" "H1'"  sing N N 139 
U N1    C2     sing N N 140 
U N1    C6     sing N N 141 
U C2    O2     doub N N 142 
U C2    N3     sing N N 143 
U N3    C4     sing N N 144 
U N3    H3     sing N N 145 
U C4    O4     doub N N 146 
U C4    C5     sing N N 147 
U C5    C6     doub N N 148 
U C5    H5     sing N N 149 
U C6    H6     sing N N 150 
# 
loop_
_ndb_struct_conf_na.entry_id 
_ndb_struct_conf_na.feature 
1XSH 'double helix'         
1XSH 'a-form double helix'  
1XSH tetraloop              
1XSH 'bulge loop'           
1XSH 'mismatched base pair' 
# 
loop_
_ndb_struct_na_base_pair.model_number 
_ndb_struct_na_base_pair.i_label_asym_id 
_ndb_struct_na_base_pair.i_label_comp_id 
_ndb_struct_na_base_pair.i_label_seq_id 
_ndb_struct_na_base_pair.i_symmetry 
_ndb_struct_na_base_pair.j_label_asym_id 
_ndb_struct_na_base_pair.j_label_comp_id 
_ndb_struct_na_base_pair.j_label_seq_id 
_ndb_struct_na_base_pair.j_symmetry 
_ndb_struct_na_base_pair.shear 
_ndb_struct_na_base_pair.stretch 
_ndb_struct_na_base_pair.stagger 
_ndb_struct_na_base_pair.buckle 
_ndb_struct_na_base_pair.propeller 
_ndb_struct_na_base_pair.opening 
_ndb_struct_na_base_pair.pair_number 
_ndb_struct_na_base_pair.pair_name 
_ndb_struct_na_base_pair.i_auth_asym_id 
_ndb_struct_na_base_pair.i_auth_seq_id 
_ndb_struct_na_base_pair.i_PDB_ins_code 
_ndb_struct_na_base_pair.j_auth_asym_id 
_ndb_struct_na_base_pair.j_auth_seq_id 
_ndb_struct_na_base_pair.j_PDB_ins_code 
_ndb_struct_na_base_pair.hbond_type_28 
_ndb_struct_na_base_pair.hbond_type_12 
1 A G 2  1_555 A C 26 1_555 -0.199 -0.339 0.617  6.522   -1.974  -8.947  1  A_G2:C26_A  A 2  ? A 26 ? 19 1 
1 A A 3  1_555 A U 25 1_555 0.341  -0.141 -0.598 8.639   -20.046 -2.404  2  A_A3:U25_A  A 3  ? A 25 ? 20 1 
1 A A 4  1_555 A U 24 1_555 0.002  -0.135 -0.654 -3.174  -27.444 0.595   3  A_A4:U24_A  A 4  ? A 24 ? 20 1 
1 A G 5  1_555 A C 23 1_555 -0.280 -0.242 -0.177 -17.261 -28.924 -2.325  4  A_G5:C23_A  A 5  ? A 23 ? 19 1 
1 A C 6  1_555 A G 22 1_555 0.262  -0.102 0.208  -33.963 9.314   -6.355  5  A_C6:G22_A  A 6  ? A 22 ? 19 1 
1 A C 8  1_555 A G 21 1_555 0.150  -0.328 -1.169 17.958  -4.074  -3.574  6  A_C8:G21_A  A 8  ? A 21 ? 19 1 
1 A G 9  1_555 A C 20 1_555 -0.292 -0.205 0.527  7.446   8.779   -3.090  7  A_G9:C20_A  A 9  ? A 20 ? 19 1 
1 A G 10 1_555 A C 19 1_555 -0.355 -0.425 -0.849 -5.276  -24.867 6.962   8  A_G10:C19_A A 10 ? A 19 ? 19 1 
1 A U 11 1_555 A A 18 1_555 -0.361 -0.494 -1.214 -20.469 -4.856  -5.938  9  A_U11:A18_A A 11 ? A 18 ? 20 1 
1 A C 12 1_555 A G 17 1_555 0.360  -0.421 -0.344 -29.373 5.877   -2.038  10 A_C12:G17_A A 12 ? A 17 ? 19 1 
1 A U 13 1_555 A G 16 1_555 0.984  -5.804 0.834  -4.580  -5.197  -96.593 11 A_U13:G16_A A 13 ? A 16 ? ?  2 
# 
loop_
_ndb_struct_na_base_pair_step.model_number 
_ndb_struct_na_base_pair_step.i_label_asym_id_1 
_ndb_struct_na_base_pair_step.i_label_comp_id_1 
_ndb_struct_na_base_pair_step.i_label_seq_id_1 
_ndb_struct_na_base_pair_step.i_symmetry_1 
_ndb_struct_na_base_pair_step.j_label_asym_id_1 
_ndb_struct_na_base_pair_step.j_label_comp_id_1 
_ndb_struct_na_base_pair_step.j_label_seq_id_1 
_ndb_struct_na_base_pair_step.j_symmetry_1 
_ndb_struct_na_base_pair_step.i_label_asym_id_2 
_ndb_struct_na_base_pair_step.i_label_comp_id_2 
_ndb_struct_na_base_pair_step.i_label_seq_id_2 
_ndb_struct_na_base_pair_step.i_symmetry_2 
_ndb_struct_na_base_pair_step.j_label_asym_id_2 
_ndb_struct_na_base_pair_step.j_label_comp_id_2 
_ndb_struct_na_base_pair_step.j_label_seq_id_2 
_ndb_struct_na_base_pair_step.j_symmetry_2 
_ndb_struct_na_base_pair_step.shift 
_ndb_struct_na_base_pair_step.slide 
_ndb_struct_na_base_pair_step.rise 
_ndb_struct_na_base_pair_step.tilt 
_ndb_struct_na_base_pair_step.roll 
_ndb_struct_na_base_pair_step.twist 
_ndb_struct_na_base_pair_step.x_displacement 
_ndb_struct_na_base_pair_step.y_displacement 
_ndb_struct_na_base_pair_step.helical_rise 
_ndb_struct_na_base_pair_step.inclination 
_ndb_struct_na_base_pair_step.tip 
_ndb_struct_na_base_pair_step.helical_twist 
_ndb_struct_na_base_pair_step.step_number 
_ndb_struct_na_base_pair_step.step_name 
_ndb_struct_na_base_pair_step.i_auth_asym_id_1 
_ndb_struct_na_base_pair_step.i_auth_seq_id_1 
_ndb_struct_na_base_pair_step.i_PDB_ins_code_1 
_ndb_struct_na_base_pair_step.j_auth_asym_id_1 
_ndb_struct_na_base_pair_step.j_auth_seq_id_1 
_ndb_struct_na_base_pair_step.j_PDB_ins_code_1 
_ndb_struct_na_base_pair_step.i_auth_asym_id_2 
_ndb_struct_na_base_pair_step.i_auth_seq_id_2 
_ndb_struct_na_base_pair_step.i_PDB_ins_code_2 
_ndb_struct_na_base_pair_step.j_auth_asym_id_2 
_ndb_struct_na_base_pair_step.j_auth_seq_id_2 
_ndb_struct_na_base_pair_step.j_PDB_ins_code_2 
1 A G 2  1_555 A C 26 1_555 A A 3  1_555 A U 25 1_555 0.356  -1.021 3.628 7.382   9.105  35.106  -2.943 0.519  3.277 14.600 
-11.838 36.952  1  AA_G2A3:U25C26_AA   A 2  ? A 26 ? A 3  ? A 25 ? 
1 A A 3  1_555 A U 25 1_555 A A 4  1_555 A U 24 1_555 0.708  -0.748 4.259 2.064   -1.357 34.780  -0.978 -0.771 4.318 -2.266 -3.448 
34.864  2  AA_A3A4:U24U25_AA   A 3  ? A 25 ? A 4  ? A 24 ? 
1 A A 4  1_555 A U 24 1_555 A G 5  1_555 A C 23 1_555 -0.354 -1.064 4.119 -2.453  3.557  32.144  -2.684 0.096  3.996 6.388  4.406 
32.426  3  AA_A4G5:C23U24_AA   A 4  ? A 24 ? A 5  ? A 23 ? 
1 A G 5  1_555 A C 23 1_555 A C 6  1_555 A G 22 1_555 -0.037 -1.215 4.447 -6.163  16.677 28.188  -5.674 -1.247 3.196 30.685 11.340 
33.230  4  AA_G5C6:G22C23_AA   A 5  ? A 23 ? A 6  ? A 22 ? 
1 A C 6  1_555 A G 22 1_555 A C 8  1_555 A G 21 1_555 -1.023 -0.406 1.891 9.217   3.377  33.335  -0.956 2.466  1.516 5.735  
-15.651 34.711  5  AA_C6C8:G21G22_AA   A 6  ? A 22 ? A 8  ? A 21 ? 
1 A C 8  1_555 A G 21 1_555 A G 9  1_555 A C 20 1_555 -0.758 -1.132 4.276 -10.662 26.187 31.949  -4.883 -0.304 2.758 39.329 16.013 
42.417  6  AA_C8G9:C20G21_AA   A 8  ? A 21 ? A 9  ? A 20 ? 
1 A G 9  1_555 A C 20 1_555 A G 10 1_555 A C 19 1_555 0.606  -1.411 3.841 8.930   21.326 32.431  -4.788 0.240  2.557 33.411 
-13.991 39.647  7  AA_G9G10:C19C20_AA  A 9  ? A 20 ? A 10 ? A 19 ? 
1 A G 10 1_555 A C 19 1_555 A U 11 1_555 A A 18 1_555 -1.906 -0.780 4.703 -3.044  -4.860 35.559  -0.240 2.444  4.905 -7.894 4.944 
36.004  8  AA_G10U11:A18C19_AA A 10 ? A 19 ? A 11 ? A 18 ? 
1 A U 11 1_555 A A 18 1_555 A C 12 1_555 A G 17 1_555 -0.019 -1.028 4.182 -4.467  23.770 27.392  -5.554 -0.703 2.515 41.416 7.783 
36.388  9  AA_U11C12:G17A18_AA A 11 ? A 18 ? A 12 ? A 17 ? 
1 A C 12 1_555 A G 17 1_555 A U 13 1_555 A G 16 1_555 1.885  -0.879 2.460 1.668   15.891 106.261 -0.702 -1.156 2.377 9.896  -1.039 
107.093 10 AA_C12U13:G16G17_AA A 12 ? A 17 ? A 13 ? A 16 ? 
# 
_pdbx_nmr_spectrometer.spectrometer_id   1 
_pdbx_nmr_spectrometer.type              ? 
_pdbx_nmr_spectrometer.manufacturer      Bruker 
_pdbx_nmr_spectrometer.model             DMX 
_pdbx_nmr_spectrometer.field_strength    600 
# 
_atom_sites.entry_id                    1XSH 
_atom_sites.fract_transf_matrix[1][1]   1.000000 
_atom_sites.fract_transf_matrix[1][2]   0.000000 
_atom_sites.fract_transf_matrix[1][3]   0.000000 
_atom_sites.fract_transf_matrix[2][1]   0.000000 
_atom_sites.fract_transf_matrix[2][2]   1.000000 
_atom_sites.fract_transf_matrix[2][3]   0.000000 
_atom_sites.fract_transf_matrix[3][1]   0.000000 
_atom_sites.fract_transf_matrix[3][2]   0.000000 
_atom_sites.fract_transf_matrix[3][3]   1.000000 
_atom_sites.fract_transf_vector[1]      0.00000 
_atom_sites.fract_transf_vector[2]      0.00000 
_atom_sites.fract_transf_vector[3]      0.00000 
# 
loop_
_atom_type.symbol 
C 
H 
N 
O 
P 
# 
loop_
_atom_site.group_PDB 
_atom_site.id 
_atom_site.type_symbol 
_atom_site.label_atom_id 
_atom_site.label_alt_id 
_atom_site.label_comp_id 
_atom_site.label_asym_id 
_atom_site.label_entity_id 
_atom_site.label_seq_id 
_atom_site.pdbx_PDB_ins_code 
_atom_site.Cartn_x 
_atom_site.Cartn_y 
_atom_site.Cartn_z 
_atom_site.occupancy 
_atom_site.B_iso_or_equiv 
_atom_site.pdbx_formal_charge 
_atom_site.auth_seq_id 
_atom_site.auth_comp_id 
_atom_site.auth_asym_id 
_atom_site.auth_atom_id 
_atom_site.pdbx_PDB_model_num 
ATOM 1   O "O5'"  . G A 1 1  ? -2.322  -6.173  -21.413 1.00 0.00 ? 1  G A "O5'"  1 
ATOM 2   C "C5'"  . G A 1 1  ? -0.964  -5.844  -21.714 1.00 0.00 ? 1  G A "C5'"  1 
ATOM 3   C "C4'"  . G A 1 1  ? -0.512  -4.591  -20.972 1.00 0.00 ? 1  G A "C4'"  1 
ATOM 4   O "O4'"  . G A 1 1  ? -1.155  -3.451  -21.540 1.00 0.00 ? 1  G A "O4'"  1 
ATOM 5   C "C3'"  . G A 1 1  ? -0.902  -4.548  -19.506 1.00 0.00 ? 1  G A "C3'"  1 
ATOM 6   O "O3'"  . G A 1 1  ? 0.213   -5.058  -18.767 1.00 0.00 ? 1  G A "O3'"  1 
ATOM 7   C "C2'"  . G A 1 1  ? -0.995  -3.062  -19.200 1.00 0.00 ? 1  G A "C2'"  1 
ATOM 8   O "O2'"  . G A 1 1  ? 0.279   -2.556  -18.801 1.00 0.00 ? 1  G A "O2'"  1 
ATOM 9   C "C1'"  . G A 1 1  ? -1.413  -2.455  -20.539 1.00 0.00 ? 1  G A "C1'"  1 
ATOM 10  N N9     . G A 1 1  ? -2.847  -2.109  -20.574 1.00 0.00 ? 1  G A N9     1 
ATOM 11  C C8     . G A 1 1  ? -3.912  -2.826  -20.092 1.00 0.00 ? 1  G A C8     1 
ATOM 12  N N7     . G A 1 1  ? -5.063  -2.240  -20.274 1.00 0.00 ? 1  G A N7     1 
ATOM 13  C C5     . G A 1 1  ? -4.738  -1.053  -20.922 1.00 0.00 ? 1  G A C5     1 
ATOM 14  C C6     . G A 1 1  ? -5.581  -0.002  -21.376 1.00 0.00 ? 1  G A C6     1 
ATOM 15  O O6     . G A 1 1  ? -6.804  0.085   -21.291 1.00 0.00 ? 1  G A O6     1 
ATOM 16  N N1     . G A 1 1  ? -4.853  1.013   -21.977 1.00 0.00 ? 1  G A N1     1 
ATOM 17  C C2     . G A 1 1  ? -3.485  1.022   -22.126 1.00 0.00 ? 1  G A C2     1 
ATOM 18  N N2     . G A 1 1  ? -2.950  2.082   -22.730 1.00 0.00 ? 1  G A N2     1 
ATOM 19  N N3     . G A 1 1  ? -2.684  0.040   -21.702 1.00 0.00 ? 1  G A N3     1 
ATOM 20  C C4     . G A 1 1  ? -3.380  -0.962  -21.111 1.00 0.00 ? 1  G A C4     1 
ATOM 21  H "H5'"  . G A 1 1  ? -0.868  -5.675  -22.788 1.00 0.00 ? 1  G A "H5'"  1 
ATOM 22  H "H5''" . G A 1 1  ? -0.323  -6.678  -21.428 1.00 0.00 ? 1  G A "H5''" 1 
ATOM 23  H "H4'"  . G A 1 1  ? 0.567   -4.483  -21.084 1.00 0.00 ? 1  G A "H4'"  1 
ATOM 24  H "H3'"  . G A 1 1  ? -1.819  -5.091  -19.282 1.00 0.00 ? 1  G A "H3'"  1 
ATOM 25  H "H2'"  . G A 1 1  ? -1.751  -2.869  -18.440 1.00 0.00 ? 1  G A "H2'"  1 
ATOM 26  H "HO2'" . G A 1 1  ? 0.839   -2.546  -19.581 1.00 0.00 ? 1  G A "HO2'" 1 
ATOM 27  H "H1'"  . G A 1 1  ? -0.823  -1.565  -20.754 1.00 0.00 ? 1  G A "H1'"  1 
ATOM 28  H H8     . G A 1 1  ? -3.807  -3.794  -19.603 1.00 0.00 ? 1  G A H8     1 
ATOM 29  H H1     . G A 1 1  ? -5.373  1.803   -22.330 1.00 0.00 ? 1  G A H1     1 
ATOM 30  H H21    . G A 1 1  ? -3.547  2.795   -23.123 1.00 0.00 ? 1  G A H21    1 
ATOM 31  H H22    . G A 1 1  ? -1.945  2.172   -22.797 1.00 0.00 ? 1  G A H22    1 
ATOM 32  H "HO5'" . G A 1 1  ? -2.685  -6.619  -22.182 1.00 0.00 ? 1  G A "HO5'" 1 
ATOM 33  P P      . G A 1 2  ? 0.197   -5.074  -17.157 1.00 0.00 ? 2  G A P      1 
ATOM 34  O OP1    . G A 1 2  ? 1.036   -6.204  -16.698 1.00 0.00 ? 2  G A OP1    1 
ATOM 35  O OP2    . G A 1 2  ? -1.209  -4.969  -16.708 1.00 0.00 ? 2  G A OP2    1 
ATOM 36  O "O5'"  . G A 1 2  ? 0.951   -3.702  -16.781 1.00 0.00 ? 2  G A "O5'"  1 
ATOM 37  C "C5'"  . G A 1 2  ? 2.379   -3.624  -16.792 1.00 0.00 ? 2  G A "C5'"  1 
ATOM 38  C "C4'"  . G A 1 2  ? 2.855   -2.174  -16.816 1.00 0.00 ? 2  G A "C4'"  1 
ATOM 39  O "O4'"  . G A 1 2  ? 2.008   -1.429  -17.697 1.00 0.00 ? 2  G A "O4'"  1 
ATOM 40  C "C3'"  . G A 1 2  ? 2.749   -1.452  -15.481 1.00 0.00 ? 2  G A "C3'"  1 
ATOM 41  O "O3'"  . G A 1 2  ? 4.036   -1.515  -14.863 1.00 0.00 ? 2  G A "O3'"  1 
ATOM 42  C "C2'"  . G A 1 2  ? 2.514   -0.004  -15.881 1.00 0.00 ? 2  G A "C2'"  1 
ATOM 43  O "O2'"  . G A 1 2  ? 3.753   0.636   -16.200 1.00 0.00 ? 2  G A "O2'"  1 
ATOM 44  C "C1'"  . G A 1 2  ? 1.653   -0.159  -17.129 1.00 0.00 ? 2  G A "C1'"  1 
ATOM 45  N N9     . G A 1 2  ? 0.215   -0.186  -16.813 1.00 0.00 ? 2  G A N9     1 
ATOM 46  C C8     . G A 1 2  ? -0.602  -1.275  -16.669 1.00 0.00 ? 2  G A C8     1 
ATOM 47  N N7     . G A 1 2  ? -1.837  -0.973  -16.384 1.00 0.00 ? 2  G A N7     1 
ATOM 48  C C5     . G A 1 2  ? -1.839  0.417   -16.334 1.00 0.00 ? 2  G A C5     1 
ATOM 49  C C6     . G A 1 2  ? -2.906  1.317   -16.066 1.00 0.00 ? 2  G A C6     1 
ATOM 50  O O6     . G A 1 2  ? -4.079  1.055   -15.813 1.00 0.00 ? 2  G A O6     1 
ATOM 51  N N1     . G A 1 2  ? -2.485  2.637   -16.112 1.00 0.00 ? 2  G A N1     1 
ATOM 52  C C2     . G A 1 2  ? -1.199  3.046   -16.385 1.00 0.00 ? 2  G A C2     1 
ATOM 53  N N2     . G A 1 2  ? -0.972  4.359   -16.390 1.00 0.00 ? 2  G A N2     1 
ATOM 54  N N3     . G A 1 2  ? -0.189  2.209   -16.639 1.00 0.00 ? 2  G A N3     1 
ATOM 55  C C4     . G A 1 2  ? -0.583  0.912   -16.596 1.00 0.00 ? 2  G A C4     1 
ATOM 56  H "H5'"  . G A 1 2  ? 2.758   -4.139  -17.676 1.00 0.00 ? 2  G A "H5'"  1 
ATOM 57  H "H5''" . G A 1 2  ? 2.770   -4.112  -15.900 1.00 0.00 ? 2  G A "H5''" 1 
ATOM 58  H "H4'"  . G A 1 2  ? 3.878   -2.140  -17.191 1.00 0.00 ? 2  G A "H4'"  1 
ATOM 59  H "H3'"  . G A 1 2  ? 1.969   -1.853  -14.834 1.00 0.00 ? 2  G A "H3'"  1 
ATOM 60  H "H2'"  . G A 1 2  ? 1.979   0.537   -15.103 1.00 0.00 ? 2  G A "H2'"  1 
ATOM 61  H "HO2'" . G A 1 2  ? 3.566   1.303   -16.865 1.00 0.00 ? 2  G A "HO2'" 1 
ATOM 62  H "H1'"  . G A 1 2  ? 1.853   0.631   -17.849 1.00 0.00 ? 2  G A "H1'"  1 
ATOM 63  H H8     . G A 1 2  ? -0.251  -2.301  -16.786 1.00 0.00 ? 2  G A H8     1 
ATOM 64  H H1     . G A 1 2  ? -3.180  3.347   -15.933 1.00 0.00 ? 2  G A H1     1 
ATOM 65  H H21    . G A 1 2  ? -1.740  5.005   -16.270 1.00 0.00 ? 2  G A H21    1 
ATOM 66  H H22    . G A 1 2  ? -0.033  4.710   -16.513 1.00 0.00 ? 2  G A H22    1 
ATOM 67  P P      . A A 1 3  ? 4.168   -1.612  -13.262 1.00 0.00 ? 3  A A P      1 
ATOM 68  O OP1    . A A 1 3  ? 5.590   -1.854  -12.928 1.00 0.00 ? 3  A A OP1    1 
ATOM 69  O OP2    . A A 1 3  ? 3.125   -2.537  -12.766 1.00 0.00 ? 3  A A OP2    1 
ATOM 70  O "O5'"  . A A 1 3  ? 3.786   -0.121  -12.787 1.00 0.00 ? 3  A A "O5'"  1 
ATOM 71  C "C5'"  . A A 1 3  ? 4.614   0.988   -13.147 1.00 0.00 ? 3  A A "C5'"  1 
ATOM 72  C "C4'"  . A A 1 3  ? 3.947   2.318   -12.817 1.00 0.00 ? 3  A A "C4'"  1 
ATOM 73  O "O4'"  . A A 1 3  ? 2.808   2.502   -13.667 1.00 0.00 ? 3  A A "O4'"  1 
ATOM 74  C "C3'"  . A A 1 3  ? 3.377   2.417   -11.414 1.00 0.00 ? 3  A A "C3'"  1 
ATOM 75  O "O3'"  . A A 1 3  ? 4.390   2.987   -10.582 1.00 0.00 ? 3  A A "O3'"  1 
ATOM 76  C "C2'"  . A A 1 3  ? 2.282   3.459   -11.566 1.00 0.00 ? 3  A A "C2'"  1 
ATOM 77  O "O2'"  . A A 1 3  ? 2.836   4.778   -11.538 1.00 0.00 ? 3  A A "O2'"  1 
ATOM 78  C "C1'"  . A A 1 3  ? 1.733   3.136   -12.952 1.00 0.00 ? 3  A A "C1'"  1 
ATOM 79  N N9     . A A 1 3  ? 0.587   2.210   -12.898 1.00 0.00 ? 3  A A N9     1 
ATOM 80  C C8     . A A 1 3  ? 0.591   0.838   -12.849 1.00 0.00 ? 3  A A C8     1 
ATOM 81  N N7     . A A 1 3  ? -0.603  0.313   -12.804 1.00 0.00 ? 3  A A N7     1 
ATOM 82  C C5     . A A 1 3  ? -1.451  1.415   -12.824 1.00 0.00 ? 3  A A C5     1 
ATOM 83  C C6     . A A 1 3  ? -2.850  1.538   -12.797 1.00 0.00 ? 3  A A C6     1 
ATOM 84  N N6     . A A 1 3  ? -3.681  0.496   -12.740 1.00 0.00 ? 3  A A N6     1 
ATOM 85  N N1     . A A 1 3  ? -3.369  2.775   -12.828 1.00 0.00 ? 3  A A N1     1 
ATOM 86  C C2     . A A 1 3  ? -2.548  3.818   -12.884 1.00 0.00 ? 3  A A C2     1 
ATOM 87  N N3     . A A 1 3  ? -1.224  3.835   -12.915 1.00 0.00 ? 3  A A N3     1 
ATOM 88  C C4     . A A 1 3  ? -0.737  2.577   -12.881 1.00 0.00 ? 3  A A C4     1 
ATOM 89  H "H5'"  . A A 1 3  ? 4.817   0.948   -14.217 1.00 0.00 ? 3  A A "H5'"  1 
ATOM 90  H "H5''" . A A 1 3  ? 5.556   0.918   -12.604 1.00 0.00 ? 3  A A "H5''" 1 
ATOM 91  H "H4'"  . A A 1 3  ? 4.658   3.124   -12.998 1.00 0.00 ? 3  A A "H4'"  1 
ATOM 92  H "H3'"  . A A 1 3  ? 3.017   1.464   -11.023 1.00 0.00 ? 3  A A "H3'"  1 
ATOM 93  H "H2'"  . A A 1 3  ? 1.514   3.337   -10.804 1.00 0.00 ? 3  A A "H2'"  1 
ATOM 94  H "HO2'" . A A 1 3  ? 3.134   4.980   -12.427 1.00 0.00 ? 3  A A "HO2'" 1 
ATOM 95  H "H1'"  . A A 1 3  ? 1.437   4.045   -13.472 1.00 0.00 ? 3  A A "H1'"  1 
ATOM 96  H H8     . A A 1 3  ? 1.504   0.243   -12.847 1.00 0.00 ? 3  A A H8     1 
ATOM 97  H H61    . A A 1 3  ? -4.676  0.649   -12.670 1.00 0.00 ? 3  A A H61    1 
ATOM 98  H H62    . A A 1 3  ? -3.314  -0.444  -12.767 1.00 0.00 ? 3  A A H62    1 
ATOM 99  H H2     . A A 1 3  ? -3.032  4.795   -12.908 1.00 0.00 ? 3  A A H2     1 
ATOM 100 P P      . A A 1 4  ? 4.309   2.839   -8.980  1.00 0.00 ? 4  A A P      1 
ATOM 101 O OP1    . A A 1 4  ? 5.511   3.474   -8.396  1.00 0.00 ? 4  A A OP1    1 
ATOM 102 O OP2    . A A 1 4  ? 3.988   1.430   -8.661  1.00 0.00 ? 4  A A OP2    1 
ATOM 103 O "O5'"  . A A 1 4  ? 3.030   3.744   -8.609  1.00 0.00 ? 4  A A "O5'"  1 
ATOM 104 C "C5'"  . A A 1 4  ? 3.163   5.160   -8.463  1.00 0.00 ? 4  A A "C5'"  1 
ATOM 105 C "C4'"  . A A 1 4  ? 1.804   5.855   -8.455  1.00 0.00 ? 4  A A "C4'"  1 
ATOM 106 O "O4'"  . A A 1 4  ? 0.947   5.234   -9.420  1.00 0.00 ? 4  A A "O4'"  1 
ATOM 107 C "C3'"  . A A 1 4  ? 1.034   5.737   -7.151  1.00 0.00 ? 4  A A "C3'"  1 
ATOM 108 O "O3'"  . A A 1 4  ? 1.363   6.882   -6.359  1.00 0.00 ? 4  A A "O3'"  1 
ATOM 109 C "C2'"  . A A 1 4  ? -0.409  5.896   -7.594  1.00 0.00 ? 4  A A "C2'"  1 
ATOM 110 O "O2'"  . A A 1 4  ? -0.732  7.278   -7.771  1.00 0.00 ? 4  A A "O2'"  1 
ATOM 111 C "C1'"  . A A 1 4  ? -0.406  5.169   -8.937  1.00 0.00 ? 4  A A "C1'"  1 
ATOM 112 N N9     . A A 1 4  ? -0.796  3.752   -8.806  1.00 0.00 ? 4  A A N9     1 
ATOM 113 C C8     . A A 1 4  ? 0.007   2.651   -8.657  1.00 0.00 ? 4  A A C8     1 
ATOM 114 N N7     . A A 1 4  ? -0.653  1.530   -8.565  1.00 0.00 ? 4  A A N7     1 
ATOM 115 C C5     . A A 1 4  ? -1.984  1.920   -8.660  1.00 0.00 ? 4  A A C5     1 
ATOM 116 C C6     . A A 1 4  ? -3.191  1.201   -8.632  1.00 0.00 ? 4  A A C6     1 
ATOM 117 N N6     . A A 1 4  ? -3.257  -0.123  -8.494  1.00 0.00 ? 4  A A N6     1 
ATOM 118 N N1     . A A 1 4  ? -4.334  1.894   -8.751  1.00 0.00 ? 4  A A N1     1 
ATOM 119 C C2     . A A 1 4  ? -4.277  3.214   -8.888  1.00 0.00 ? 4  A A C2     1 
ATOM 120 N N3     . A A 1 4  ? -3.215  4.002   -8.929  1.00 0.00 ? 4  A A N3     1 
ATOM 121 C C4     . A A 1 4  ? -2.084  3.273   -8.806  1.00 0.00 ? 4  A A C4     1 
ATOM 122 H "H5'"  . A A 1 4  ? 3.757   5.548   -9.291  1.00 0.00 ? 4  A A "H5'"  1 
ATOM 123 H "H5''" . A A 1 4  ? 3.677   5.375   -7.526  1.00 0.00 ? 4  A A "H5''" 1 
ATOM 124 H "H4'"  . A A 1 4  ? 1.940   6.903   -8.724  1.00 0.00 ? 4  A A "H4'"  1 
ATOM 125 H "H3'"  . A A 1 4  ? 1.225   4.805   -6.618  1.00 0.00 ? 4  A A "H3'"  1 
ATOM 126 H "H2'"  . A A 1 4  ? -1.091  5.418   -6.892  1.00 0.00 ? 4  A A "H2'"  1 
ATOM 127 H "HO2'" . A A 1 4  ? -0.716  7.456   -8.714  1.00 0.00 ? 4  A A "HO2'" 1 
ATOM 128 H "H1'"  . A A 1 4  ? -1.069  5.661   -9.648  1.00 0.00 ? 4  A A "H1'"  1 
ATOM 129 H H8     . A A 1 4  ? 1.095   2.706   -8.616  1.00 0.00 ? 4  A A H8     1 
ATOM 130 H H61    . A A 1 4  ? -4.150  -0.593  -8.551  1.00 0.00 ? 4  A A H61    1 
ATOM 131 H H62    . A A 1 4  ? -2.415  -0.657  -8.335  1.00 0.00 ? 4  A A H62    1 
ATOM 132 H H2     . A A 1 4  ? -5.240  3.718   -8.980  1.00 0.00 ? 4  A A H2     1 
ATOM 133 P P      . G A 1 5  ? 1.226   6.830   -4.756  1.00 0.00 ? 5  G A P      1 
ATOM 134 O OP1    . G A 1 5  ? 1.780   8.086   -4.203  1.00 0.00 ? 5  G A OP1    1 
ATOM 135 O OP2    . G A 1 5  ? 1.747   5.526   -4.289  1.00 0.00 ? 5  G A OP2    1 
ATOM 136 O "O5'"  . G A 1 5  ? -0.370  6.843   -4.539  1.00 0.00 ? 5  G A "O5'"  1 
ATOM 137 C "C5'"  . G A 1 5  ? -1.147  7.970   -4.952  1.00 0.00 ? 5  G A "C5'"  1 
ATOM 138 C "C4'"  . G A 1 5  ? -2.642  7.709   -4.801  1.00 0.00 ? 5  G A "C4'"  1 
ATOM 139 O "O4'"  . G A 1 5  ? -3.011  6.584   -5.601  1.00 0.00 ? 5  G A "O4'"  1 
ATOM 140 C "C3'"  . G A 1 5  ? -3.086  7.316   -3.406  1.00 0.00 ? 5  G A "C3'"  1 
ATOM 141 O "O3'"  . G A 1 5  ? -3.426  8.520   -2.714  1.00 0.00 ? 5  G A "O3'"  1 
ATOM 142 C "C2'"  . G A 1 5  ? -4.382  6.562   -3.659  1.00 0.00 ? 5  G A "C2'"  1 
ATOM 143 O "O2'"  . G A 1 5  ? -5.475  7.475   -3.788  1.00 0.00 ? 5  G A "O2'"  1 
ATOM 144 C "C1'"  . G A 1 5  ? -4.102  5.869   -4.996  1.00 0.00 ? 5  G A "C1'"  1 
ATOM 145 N N9     . G A 1 5  ? -3.705  4.459   -4.821  1.00 0.00 ? 5  G A N9     1 
ATOM 146 C C8     . G A 1 5  ? -2.443  3.929   -4.730  1.00 0.00 ? 5  G A C8     1 
ATOM 147 N N7     . G A 1 5  ? -2.429  2.635   -4.576  1.00 0.00 ? 5  G A N7     1 
ATOM 148 C C5     . G A 1 5  ? -3.774  2.283   -4.563  1.00 0.00 ? 5  G A C5     1 
ATOM 149 C C6     . G A 1 5  ? -4.381  1.004   -4.423  1.00 0.00 ? 5  G A C6     1 
ATOM 150 O O6     . G A 1 5  ? -3.834  -0.088  -4.282  1.00 0.00 ? 5  G A O6     1 
ATOM 151 N N1     . G A 1 5  ? -5.763  1.088   -4.462  1.00 0.00 ? 5  G A N1     1 
ATOM 152 C C2     . G A 1 5  ? -6.480  2.253   -4.615  1.00 0.00 ? 5  G A C2     1 
ATOM 153 N N2     . G A 1 5  ? -7.809  2.148   -4.628  1.00 0.00 ? 5  G A N2     1 
ATOM 154 N N3     . G A 1 5  ? -5.920  3.459   -4.747  1.00 0.00 ? 5  G A N3     1 
ATOM 155 C C4     . G A 1 5  ? -4.567  3.395   -4.712  1.00 0.00 ? 5  G A C4     1 
ATOM 156 H "H5'"  . G A 1 5  ? -0.929  8.188   -5.998  1.00 0.00 ? 5  G A "H5'"  1 
ATOM 157 H "H5''" . G A 1 5  ? -0.873  8.833   -4.345  1.00 0.00 ? 5  G A "H5''" 1 
ATOM 158 H "H4'"  . G A 1 5  ? -3.191  8.585   -5.145  1.00 0.00 ? 5  G A "H4'"  1 
ATOM 159 H "H3'"  . G A 1 5  ? -2.343  6.731   -2.863  1.00 0.00 ? 5  G A "H3'"  1 
ATOM 160 H "H2'"  . G A 1 5  ? -4.570  5.832   -2.873  1.00 0.00 ? 5  G A "H2'"  1 
ATOM 161 H "HO2'" . G A 1 5  ? -5.265  8.072   -4.511  1.00 0.00 ? 5  G A "HO2'" 1 
ATOM 162 H "H1'"  . G A 1 5  ? -4.972  5.919   -5.650  1.00 0.00 ? 5  G A "H1'"  1 
ATOM 163 H H8     . G A 1 5  ? -1.537  4.533   -4.780  1.00 0.00 ? 5  G A H8     1 
ATOM 164 H H1     . G A 1 5  ? -6.278  0.225   -4.369  1.00 0.00 ? 5  G A H1     1 
ATOM 165 H H21    . G A 1 5  ? -8.246  1.248   -4.494  1.00 0.00 ? 5  G A H21    1 
ATOM 166 H H22    . G A 1 5  ? -8.378  2.970   -4.773  1.00 0.00 ? 5  G A H22    1 
ATOM 167 P P      . C A 1 6  ? -3.371  8.583   -1.106  1.00 0.00 ? 6  C A P      1 
ATOM 168 O OP1    . C A 1 6  ? -4.031  9.833   -0.669  1.00 0.00 ? 6  C A OP1    1 
ATOM 169 O OP2    . C A 1 6  ? -1.983  8.292   -0.679  1.00 0.00 ? 6  C A OP2    1 
ATOM 170 O "O5'"  . C A 1 6  ? -4.303  7.342   -0.673  1.00 0.00 ? 6  C A "O5'"  1 
ATOM 171 C "C5'"  . C A 1 6  ? -5.727  7.465   -0.689  1.00 0.00 ? 6  C A "C5'"  1 
ATOM 172 C "C4'"  . C A 1 6  ? -6.402  6.299   0.024   1.00 0.00 ? 6  C A "C4'"  1 
ATOM 173 O "O4'"  . C A 1 6  ? -6.205  5.108   -0.723  1.00 0.00 ? 6  C A "O4'"  1 
ATOM 174 C "C3'"  . C A 1 6  ? -5.823  5.954   1.384   1.00 0.00 ? 6  C A "C3'"  1 
ATOM 175 O "O3'"  . C A 1 6  ? -6.593  6.665   2.357   1.00 0.00 ? 6  C A "O3'"  1 
ATOM 176 C "C2'"  . C A 1 6  ? -6.143  4.466   1.562   1.00 0.00 ? 6  C A "C2'"  1 
ATOM 177 O "O2'"  . C A 1 6  ? -7.321  4.305   2.357   1.00 0.00 ? 6  C A "O2'"  1 
ATOM 178 C "C1'"  . C A 1 6  ? -6.398  3.975   0.128   1.00 0.00 ? 6  C A "C1'"  1 
ATOM 179 N N1     . C A 1 6  ? -5.450  2.912   -0.275  1.00 0.00 ? 6  C A N1     1 
ATOM 180 C C2     . C A 1 6  ? -5.760  1.602   0.070   1.00 0.00 ? 6  C A C2     1 
ATOM 181 O O2     . C A 1 6  ? -6.794  1.354   0.687   1.00 0.00 ? 6  C A O2     1 
ATOM 182 N N3     . C A 1 6  ? -4.898  0.611   -0.287  1.00 0.00 ? 6  C A N3     1 
ATOM 183 C C4     . C A 1 6  ? -3.774  0.891   -0.959  1.00 0.00 ? 6  C A C4     1 
ATOM 184 N N4     . C A 1 6  ? -2.970  -0.122  -1.281  1.00 0.00 ? 6  C A N4     1 
ATOM 185 C C5     . C A 1 6  ? -3.448  2.237   -1.318  1.00 0.00 ? 6  C A C5     1 
ATOM 186 C C6     . C A 1 6  ? -4.308  3.209   -0.959  1.00 0.00 ? 6  C A C6     1 
ATOM 187 H "H5'"  . C A 1 6  ? -6.070  7.495   -1.724  1.00 0.00 ? 6  C A "H5'"  1 
ATOM 188 H "H5''" . C A 1 6  ? -6.009  8.395   -0.194  1.00 0.00 ? 6  C A "H5''" 1 
ATOM 189 H "H4'"  . C A 1 6  ? -7.471  6.499   0.101   1.00 0.00 ? 6  C A "H4'"  1 
ATOM 190 H "H3'"  . C A 1 6  ? -4.760  6.179   1.468   1.00 0.00 ? 6  C A "H3'"  1 
ATOM 191 H "H2'"  . C A 1 6  ? -5.299  3.940   2.006   1.00 0.00 ? 6  C A "H2'"  1 
ATOM 192 H "HO2'" . C A 1 6  ? -7.588  5.179   2.651   1.00 0.00 ? 6  C A "HO2'" 1 
ATOM 193 H "H1'"  . C A 1 6  ? -7.424  3.615   0.017   1.00 0.00 ? 6  C A "H1'"  1 
ATOM 194 H H41    . C A 1 6  ? -3.348  -1.050  -1.396  1.00 0.00 ? 6  C A H41    1 
ATOM 195 H H42    . C A 1 6  ? -1.980  0.039   -1.408  1.00 0.00 ? 6  C A H42    1 
ATOM 196 H H5     . C A 1 6  ? -2.536  2.477   -1.864  1.00 0.00 ? 6  C A H5     1 
ATOM 197 H H6     . C A 1 6  ? -4.088  4.245   -1.217  1.00 0.00 ? 6  C A H6     1 
ATOM 198 P P      . U A 1 7  ? -6.303  8.220   2.652   1.00 0.00 ? 7  U A P      1 
ATOM 199 O OP1    . U A 1 7  ? -6.998  8.592   3.905   1.00 0.00 ? 7  U A OP1    1 
ATOM 200 O OP2    . U A 1 7  ? -6.561  8.983   1.410   1.00 0.00 ? 7  U A OP2    1 
ATOM 201 O "O5'"  . U A 1 7  ? -4.717  8.236   2.931   1.00 0.00 ? 7  U A "O5'"  1 
ATOM 202 C "C5'"  . U A 1 7  ? -4.196  7.787   4.185   1.00 0.00 ? 7  U A "C5'"  1 
ATOM 203 C "C4'"  . U A 1 7  ? -4.149  6.264   4.258   1.00 0.00 ? 7  U A "C4'"  1 
ATOM 204 O "O4'"  . U A 1 7  ? -3.139  5.784   3.356   1.00 0.00 ? 7  U A "O4'"  1 
ATOM 205 C "C3'"  . U A 1 7  ? -3.763  5.705   5.626   1.00 0.00 ? 7  U A "C3'"  1 
ATOM 206 O "O3'"  . U A 1 7  ? -4.394  4.426   5.746   1.00 0.00 ? 7  U A "O3'"  1 
ATOM 207 C "C2'"  . U A 1 7  ? -2.268  5.451   5.506   1.00 0.00 ? 7  U A "C2'"  1 
ATOM 208 O "O2'"  . U A 1 7  ? -1.863  4.398   6.386   1.00 0.00 ? 7  U A "O2'"  1 
ATOM 209 C "C1'"  . U A 1 7  ? -2.155  5.012   4.055   1.00 0.00 ? 7  U A "C1'"  1 
ATOM 210 N N1     . U A 1 7  ? -0.821  5.292   3.479   1.00 0.00 ? 7  U A N1     1 
ATOM 211 C C2     . U A 1 7  ? 0.281   4.808   4.163   1.00 0.00 ? 7  U A C2     1 
ATOM 212 O O2     . U A 1 7  ? 0.179   4.172   5.209   1.00 0.00 ? 7  U A O2     1 
ATOM 213 N N3     . U A 1 7  ? 1.512   5.082   3.599   1.00 0.00 ? 7  U A N3     1 
ATOM 214 C C4     . U A 1 7  ? 1.734   5.785   2.430   1.00 0.00 ? 7  U A C4     1 
ATOM 215 O O4     . U A 1 7  ? 2.882   5.963   2.029   1.00 0.00 ? 7  U A O4     1 
ATOM 216 C C5     . U A 1 7  ? 0.536   6.258   1.774   1.00 0.00 ? 7  U A C5     1 
ATOM 217 C C6     . U A 1 7  ? -0.682  6.000   2.312   1.00 0.00 ? 7  U A C6     1 
ATOM 218 H "H5'"  . U A 1 7  ? -4.830  8.162   4.989   1.00 0.00 ? 7  U A "H5'"  1 
ATOM 219 H "H5''" . U A 1 7  ? -3.188  8.181   4.313   1.00 0.00 ? 7  U A "H5''" 1 
ATOM 220 H "H4'"  . U A 1 7  ? -5.115  5.868   3.946   1.00 0.00 ? 7  U A "H4'"  1 
ATOM 221 H "H3'"  . U A 1 7  ? -4.023  6.366   6.452   1.00 0.00 ? 7  U A "H3'"  1 
ATOM 222 H "H2'"  . U A 1 7  ? -1.699  6.362   5.688   1.00 0.00 ? 7  U A "H2'"  1 
ATOM 223 H "HO2'" . U A 1 7  ? -1.034  4.051   6.051   1.00 0.00 ? 7  U A "HO2'" 1 
ATOM 224 H "H1'"  . U A 1 7  ? -2.381  3.951   3.947   1.00 0.00 ? 7  U A "H1'"  1 
ATOM 225 H H3     . U A 1 7  ? 2.325   4.735   4.087   1.00 0.00 ? 7  U A H3     1 
ATOM 226 H H5     . U A 1 7  ? 0.612   6.823   0.846   1.00 0.00 ? 7  U A H5     1 
ATOM 227 H H6     . U A 1 7  ? -1.576  6.364   1.804   1.00 0.00 ? 7  U A H6     1 
ATOM 228 P P      . C A 1 8  ? -5.371  4.104   6.985   1.00 0.00 ? 8  C A P      1 
ATOM 229 O OP1    . C A 1 8  ? -5.368  5.273   7.892   1.00 0.00 ? 8  C A OP1    1 
ATOM 230 O OP2    . C A 1 8  ? -5.027  2.762   7.509   1.00 0.00 ? 8  C A OP2    1 
ATOM 231 O "O5'"  . C A 1 8  ? -6.817  4.015   6.280   1.00 0.00 ? 8  C A "O5'"  1 
ATOM 232 C "C5'"  . C A 1 8  ? -8.000  3.754   7.047   1.00 0.00 ? 8  C A "C5'"  1 
ATOM 233 C "C4'"  . C A 1 8  ? -8.568  2.369   6.751   1.00 0.00 ? 8  C A "C4'"  1 
ATOM 234 O "O4'"  . C A 1 8  ? -8.499  2.115   5.348   1.00 0.00 ? 8  C A "O4'"  1 
ATOM 235 C "C3'"  . C A 1 8  ? -7.799  1.213   7.356   1.00 0.00 ? 8  C A "C3'"  1 
ATOM 236 O "O3'"  . C A 1 8  ? -8.346  0.974   8.656   1.00 0.00 ? 8  C A "O3'"  1 
ATOM 237 C "C2'"  . C A 1 8  ? -8.205  0.044   6.472   1.00 0.00 ? 8  C A "C2'"  1 
ATOM 238 O "O2'"  . C A 1 8  ? -9.458  -0.497  6.901   1.00 0.00 ? 8  C A "O2'"  1 
ATOM 239 C "C1'"  . C A 1 8  ? -8.350  0.706   5.101   1.00 0.00 ? 8  C A "C1'"  1 
ATOM 240 N N1     . C A 1 8  ? -7.154  0.497   4.253   1.00 0.00 ? 8  C A N1     1 
ATOM 241 C C2     . C A 1 8  ? -7.082  -0.675  3.512   1.00 0.00 ? 8  C A C2     1 
ATOM 242 O O2     . C A 1 8  ? -7.999  -1.491  3.558   1.00 0.00 ? 8  C A O2     1 
ATOM 243 N N3     . C A 1 8  ? -5.983  -0.894  2.738   1.00 0.00 ? 8  C A N3     1 
ATOM 244 C C4     . C A 1 8  ? -4.990  0.004   2.693   1.00 0.00 ? 8  C A C4     1 
ATOM 245 N N4     . C A 1 8  ? -3.938  -0.268  1.920   1.00 0.00 ? 8  C A N4     1 
ATOM 246 C C5     . C A 1 8  ? -5.057  1.215   3.452   1.00 0.00 ? 8  C A C5     1 
ATOM 247 C C6     . C A 1 8  ? -6.149  1.419   4.214   1.00 0.00 ? 8  C A C6     1 
ATOM 248 H "H5'"  . C A 1 8  ? -8.752  4.505   6.804   1.00 0.00 ? 8  C A "H5'"  1 
ATOM 249 H "H5''" . C A 1 8  ? -7.764  3.821   8.111   1.00 0.00 ? 8  C A "H5''" 1 
ATOM 250 H "H4'"  . C A 1 8  ? -9.611  2.340   7.066   1.00 0.00 ? 8  C A "H4'"  1 
ATOM 251 H "H3'"  . C A 1 8  ? -6.721  1.379   7.390   1.00 0.00 ? 8  C A "H3'"  1 
ATOM 252 H "H2'"  . C A 1 8  ? -7.432  -0.723  6.452   1.00 0.00 ? 8  C A "H2'"  1 
ATOM 253 H "HO2'" . C A 1 8  ? -10.056 0.242   7.032   1.00 0.00 ? 8  C A "HO2'" 1 
ATOM 254 H "H1'"  . C A 1 8  ? -9.235  0.337   4.585   1.00 0.00 ? 8  C A "H1'"  1 
ATOM 255 H H41    . C A 1 8  ? -3.872  -1.162  1.453   1.00 0.00 ? 8  C A H41    1 
ATOM 256 H H42    . C A 1 8  ? -3.206  0.418   1.804   1.00 0.00 ? 8  C A H42    1 
ATOM 257 H H5     . C A 1 8  ? -4.256  1.953   3.422   1.00 0.00 ? 8  C A H5     1 
ATOM 258 H H6     . C A 1 8  ? -6.231  2.330   4.807   1.00 0.00 ? 8  C A H6     1 
ATOM 259 P P      . G A 1 9  ? -7.465  1.247   9.976   1.00 0.00 ? 9  G A P      1 
ATOM 260 O OP1    . G A 1 9  ? -8.369  1.725   11.045  1.00 0.00 ? 9  G A OP1    1 
ATOM 261 O OP2    . G A 1 9  ? -6.287  2.056   9.588   1.00 0.00 ? 9  G A OP2    1 
ATOM 262 O "O5'"  . G A 1 9  ? -6.956  -0.228  10.369  1.00 0.00 ? 9  G A "O5'"  1 
ATOM 263 C "C5'"  . G A 1 9  ? -7.606  -0.968  11.405  1.00 0.00 ? 9  G A "C5'"  1 
ATOM 264 C "C4'"  . G A 1 9  ? -7.409  -2.470  11.231  1.00 0.00 ? 9  G A "C4'"  1 
ATOM 265 O "O4'"  . G A 1 9  ? -7.601  -2.817  9.855   1.00 0.00 ? 9  G A "O4'"  1 
ATOM 266 C "C3'"  . G A 1 9  ? -6.010  -2.969  11.547  1.00 0.00 ? 9  G A "C3'"  1 
ATOM 267 O "O3'"  . G A 1 9  ? -6.003  -3.370  12.919  1.00 0.00 ? 9  G A "O3'"  1 
ATOM 268 C "C2'"  . G A 1 9  ? -5.904  -4.230  10.708  1.00 0.00 ? 9  G A "C2'"  1 
ATOM 269 O "O2'"  . G A 1 9  ? -6.558  -5.323  11.359  1.00 0.00 ? 9  G A "O2'"  1 
ATOM 270 C "C1'"  . G A 1 9  ? -6.661  -3.826  9.445   1.00 0.00 ? 9  G A "C1'"  1 
ATOM 271 N N9     . G A 1 9  ? -5.770  -3.250  8.419   1.00 0.00 ? 9  G A N9     1 
ATOM 272 C C8     . G A 1 9  ? -5.667  -1.945  8.008   1.00 0.00 ? 9  G A C8     1 
ATOM 273 N N7     . G A 1 9  ? -4.774  -1.757  7.078   1.00 0.00 ? 9  G A N7     1 
ATOM 274 C C5     . G A 1 9  ? -4.248  -3.024  6.855   1.00 0.00 ? 9  G A C5     1 
ATOM 275 C C6     . G A 1 9  ? -3.233  -3.443  5.949   1.00 0.00 ? 9  G A C6     1 
ATOM 276 O O6     . G A 1 9  ? -2.592  -2.761  5.153   1.00 0.00 ? 9  G A O6     1 
ATOM 277 N N1     . G A 1 9  ? -3.000  -4.807  6.040   1.00 0.00 ? 9  G A N1     1 
ATOM 278 C C2     . G A 1 9  ? -3.656  -5.666  6.893   1.00 0.00 ? 9  G A C2     1 
ATOM 279 N N2     . G A 1 9  ? -3.306  -6.952  6.844   1.00 0.00 ? 9  G A N2     1 
ATOM 280 N N3     . G A 1 9  ? -4.610  -5.282  7.748   1.00 0.00 ? 9  G A N3     1 
ATOM 281 C C4     . G A 1 9  ? -4.850  -3.950  7.672   1.00 0.00 ? 9  G A C4     1 
ATOM 282 H "H5'"  . G A 1 9  ? -8.674  -0.745  11.383  1.00 0.00 ? 9  G A "H5'"  1 
ATOM 283 H "H5''" . G A 1 9  ? -7.199  -0.664  12.368  1.00 0.00 ? 9  G A "H5''" 1 
ATOM 284 H "H4'"  . G A 1 9  ? -8.149  -2.994  11.837  1.00 0.00 ? 9  G A "H4'"  1 
ATOM 285 H "H3'"  . G A 1 9  ? -5.230  -2.238  11.333  1.00 0.00 ? 9  G A "H3'"  1 
ATOM 286 H "H2'"  . G A 1 9  ? -4.864  -4.468  10.485  1.00 0.00 ? 9  G A "H2'"  1 
ATOM 287 H "HO2'" . G A 1 9  ? -6.522  -6.074  10.762  1.00 0.00 ? 9  G A "HO2'" 1 
ATOM 288 H "H1'"  . G A 1 9  ? -7.200  -4.673  9.022   1.00 0.00 ? 9  G A "H1'"  1 
ATOM 289 H H8     . G A 1 9  ? -6.278  -1.140  8.418   1.00 0.00 ? 9  G A H8     1 
ATOM 290 H H1     . G A 1 9  ? -2.293  -5.194  5.432   1.00 0.00 ? 9  G A H1     1 
ATOM 291 H H21    . G A 1 9  ? -2.577  -7.253  6.213   1.00 0.00 ? 9  G A H21    1 
ATOM 292 H H22    . G A 1 9  ? -3.770  -7.624  7.438   1.00 0.00 ? 9  G A H22    1 
ATOM 293 P P      . G A 1 10 ? -4.754  -3.011  13.869  1.00 0.00 ? 10 G A P      1 
ATOM 294 O OP1    . G A 1 10 ? -5.089  -3.423  15.250  1.00 0.00 ? 10 G A OP1    1 
ATOM 295 O OP2    . G A 1 10 ? -4.348  -1.615  13.593  1.00 0.00 ? 10 G A OP2    1 
ATOM 296 O "O5'"  . G A 1 10 ? -3.601  -3.989  13.316  1.00 0.00 ? 10 G A "O5'"  1 
ATOM 297 C "C5'"  . G A 1 10 ? -3.449  -5.305  13.854  1.00 0.00 ? 10 G A "C5'"  1 
ATOM 298 C "C4'"  . G A 1 10 ? -2.631  -6.202  12.928  1.00 0.00 ? 10 G A "C4'"  1 
ATOM 299 O "O4'"  . G A 1 10 ? -2.966  -5.914  11.570  1.00 0.00 ? 10 G A "O4'"  1 
ATOM 300 C "C3'"  . G A 1 10 ? -1.134  -5.977  12.981  1.00 0.00 ? 10 G A "C3'"  1 
ATOM 301 O "O3'"  . G A 1 10 ? -0.609  -6.858  13.976  1.00 0.00 ? 10 G A "O3'"  1 
ATOM 302 C "C2'"  . G A 1 10 ? -0.660  -6.493  11.630  1.00 0.00 ? 10 G A "C2'"  1 
ATOM 303 O "O2'"  . G A 1 10 ? -0.465  -7.908  11.676  1.00 0.00 ? 10 G A "O2'"  1 
ATOM 304 C "C1'"  . G A 1 10 ? -1.835  -6.143  10.713  1.00 0.00 ? 10 G A "C1'"  1 
ATOM 305 N N9     . G A 1 10 ? -1.579  -4.921  9.926   1.00 0.00 ? 10 G A N9     1 
ATOM 306 C C8     . G A 1 10 ? -2.103  -3.665  10.097  1.00 0.00 ? 10 G A C8     1 
ATOM 307 N N7     . G A 1 10 ? -1.672  -2.794  9.230   1.00 0.00 ? 10 G A N7     1 
ATOM 308 C C5     . G A 1 10 ? -0.801  -3.523  8.426   1.00 0.00 ? 10 G A C5     1 
ATOM 309 C C6     . G A 1 10 ? -0.028  -3.106  7.307   1.00 0.00 ? 10 G A C6     1 
ATOM 310 O O6     . G A 1 10 ? 0.039   -1.989  6.799   1.00 0.00 ? 10 G A O6     1 
ATOM 311 N N1     . G A 1 10 ? 0.716   -4.152  6.783   1.00 0.00 ? 10 G A N1     1 
ATOM 312 C C2     . G A 1 10 ? 0.720   -5.440  7.269   1.00 0.00 ? 10 G A C2     1 
ATOM 313 N N2     . G A 1 10 ? 1.500   -6.320  6.641   1.00 0.00 ? 10 G A N2     1 
ATOM 314 N N3     . G A 1 10 ? -0.003  -5.842  8.319   1.00 0.00 ? 10 G A N3     1 
ATOM 315 C C4     . G A 1 10 ? -0.737  -4.830  8.845   1.00 0.00 ? 10 G A C4     1 
ATOM 316 H "H5'"  . G A 1 10 ? -4.436  -5.745  13.999  1.00 0.00 ? 10 G A "H5'"  1 
ATOM 317 H "H5''" . G A 1 10 ? -2.945  -5.237  14.819  1.00 0.00 ? 10 G A "H5''" 1 
ATOM 318 H "H4'"  . G A 1 10 ? -2.869  -7.245  13.139  1.00 0.00 ? 10 G A "H4'"  1 
ATOM 319 H "H3'"  . G A 1 10 ? -0.857  -4.939  13.169  1.00 0.00 ? 10 G A "H3'"  1 
ATOM 320 H "H2'"  . G A 1 10 ? 0.248   -5.981  11.314  1.00 0.00 ? 10 G A "H2'"  1 
ATOM 321 H "HO2'" . G A 1 10 ? -1.261  -8.317  11.327  1.00 0.00 ? 10 G A "HO2'" 1 
ATOM 322 H "H1'"  . G A 1 10 ? -2.058  -6.967  10.035  1.00 0.00 ? 10 G A "H1'"  1 
ATOM 323 H H8     . G A 1 10 ? -2.811  -3.417  10.888  1.00 0.00 ? 10 G A H8     1 
ATOM 324 H H1     . G A 1 10 ? 1.296   -3.947  5.984   1.00 0.00 ? 10 G A H1     1 
ATOM 325 H H21    . G A 1 10 ? 2.110   -6.013  5.896   1.00 0.00 ? 10 G A H21    1 
ATOM 326 H H22    . G A 1 10 ? 1.482   -7.292  6.911   1.00 0.00 ? 10 G A H22    1 
ATOM 327 P P      . U A 1 11 ? 0.798   -6.537  14.691  1.00 0.00 ? 11 U A P      1 
ATOM 328 O OP1    . U A 1 11 ? 0.859   -7.296  15.958  1.00 0.00 ? 11 U A OP1    1 
ATOM 329 O OP2    . U A 1 11 ? 0.988   -5.069  14.701  1.00 0.00 ? 11 U A OP2    1 
ATOM 330 O "O5'"  . U A 1 11 ? 1.866   -7.175  13.668  1.00 0.00 ? 11 U A "O5'"  1 
ATOM 331 C "C5'"  . U A 1 11 ? 2.383   -8.490  13.889  1.00 0.00 ? 11 U A "C5'"  1 
ATOM 332 C "C4'"  . U A 1 11 ? 3.464   -8.845  12.874  1.00 0.00 ? 11 U A "C4'"  1 
ATOM 333 O "O4'"  . U A 1 11 ? 3.060   -8.398  11.574  1.00 0.00 ? 11 U A "O4'"  1 
ATOM 334 C "C3'"  . U A 1 11 ? 4.802   -8.162  13.100  1.00 0.00 ? 11 U A "C3'"  1 
ATOM 335 O "O3'"  . U A 1 11 ? 5.598   -9.041  13.899  1.00 0.00 ? 11 U A "O3'"  1 
ATOM 336 C "C2'"  . U A 1 11 ? 5.410   -8.143  11.709  1.00 0.00 ? 11 U A "C2'"  1 
ATOM 337 O "O2'"  . U A 1 11 ? 5.989   -9.413  11.395  1.00 0.00 ? 11 U A "O2'"  1 
ATOM 338 C "C1'"  . U A 1 11 ? 4.184   -7.881  10.838  1.00 0.00 ? 11 U A "C1'"  1 
ATOM 339 N N1     . U A 1 11 ? 3.972   -6.437  10.592  1.00 0.00 ? 11 U A N1     1 
ATOM 340 C C2     . U A 1 11 ? 4.748   -5.834  9.618   1.00 0.00 ? 11 U A C2     1 
ATOM 341 O O2     . U A 1 11 ? 5.583   -6.454  8.963   1.00 0.00 ? 11 U A O2     1 
ATOM 342 N N3     . U A 1 11 ? 4.531   -4.484  9.419   1.00 0.00 ? 11 U A N3     1 
ATOM 343 C C4     . U A 1 11 ? 3.617   -3.698  10.097  1.00 0.00 ? 11 U A C4     1 
ATOM 344 O O4     . U A 1 11 ? 3.516   -2.504  9.828   1.00 0.00 ? 11 U A O4     1 
ATOM 345 C C5     . U A 1 11 ? 2.845   -4.399  11.097  1.00 0.00 ? 11 U A C5     1 
ATOM 346 C C6     . U A 1 11 ? 3.044   -5.724  11.309  1.00 0.00 ? 11 U A C6     1 
ATOM 347 H "H5'"  . U A 1 11 ? 1.569   -9.210  13.808  1.00 0.00 ? 11 U A "H5'"  1 
ATOM 348 H "H5''" . U A 1 11 ? 2.806   -8.541  14.892  1.00 0.00 ? 11 U A "H5''" 1 
ATOM 349 H "H4'"  . U A 1 11 ? 3.588   -9.928  12.853  1.00 0.00 ? 11 U A "H4'"  1 
ATOM 350 H "H3'"  . U A 1 11 ? 4.713   -7.173  13.549  1.00 0.00 ? 11 U A "H3'"  1 
ATOM 351 H "H2'"  . U A 1 11 ? 6.140   -7.340  11.610  1.00 0.00 ? 11 U A "H2'"  1 
ATOM 352 H "HO2'" . U A 1 11 ? 5.285   -9.970  11.055  1.00 0.00 ? 11 U A "HO2'" 1 
ATOM 353 H "H1'"  . U A 1 11 ? 4.260   -8.406  9.886   1.00 0.00 ? 11 U A "H1'"  1 
ATOM 354 H H3     . U A 1 11 ? 5.090   -4.030  8.712   1.00 0.00 ? 11 U A H3     1 
ATOM 355 H H5     . U A 1 11 ? 2.100   -3.861  11.683  1.00 0.00 ? 11 U A H5     1 
ATOM 356 H H6     . U A 1 11 ? 2.454   -6.234  12.069  1.00 0.00 ? 11 U A H6     1 
ATOM 357 P P      . C A 1 12 ? 6.451   -8.469  15.140  1.00 0.00 ? 12 C A P      1 
ATOM 358 O OP1    . C A 1 12 ? 6.972   -9.620  15.912  1.00 0.00 ? 12 C A OP1    1 
ATOM 359 O OP2    . C A 1 12 ? 5.643   -7.432  15.818  1.00 0.00 ? 12 C A OP2    1 
ATOM 360 O "O5'"  . C A 1 12 ? 7.693   -7.747  14.412  1.00 0.00 ? 12 C A "O5'"  1 
ATOM 361 C "C5'"  . C A 1 12 ? 8.585   -8.501  13.585  1.00 0.00 ? 12 C A "C5'"  1 
ATOM 362 C "C4'"  . C A 1 12 ? 9.685   -7.626  12.993  1.00 0.00 ? 12 C A "C4'"  1 
ATOM 363 O "O4'"  . C A 1 12 ? 9.162   -6.880  11.895  1.00 0.00 ? 12 C A "O4'"  1 
ATOM 364 C "C3'"  . C A 1 12 ? 10.228  -6.557  13.921  1.00 0.00 ? 12 C A "C3'"  1 
ATOM 365 O "O3'"  . C A 1 12 ? 11.326  -7.132  14.634  1.00 0.00 ? 12 C A "O3'"  1 
ATOM 366 C "C2'"  . C A 1 12 ? 10.807  -5.530  12.958  1.00 0.00 ? 12 C A "C2'"  1 
ATOM 367 O "O2'"  . C A 1 12 ? 12.135  -5.898  12.572  1.00 0.00 ? 12 C A "O2'"  1 
ATOM 368 C "C1'"  . C A 1 12 ? 9.854   -5.626  11.761  1.00 0.00 ? 12 C A "C1'"  1 
ATOM 369 N N1     . C A 1 12 ? 8.859   -4.531  11.754  1.00 0.00 ? 12 C A N1     1 
ATOM 370 C C2     . C A 1 12 ? 9.237   -3.318  11.196  1.00 0.00 ? 12 C A C2     1 
ATOM 371 O O2     . C A 1 12 ? 10.363  -3.182  10.720  1.00 0.00 ? 12 C A O2     1 
ATOM 372 N N3     . C A 1 12 ? 8.342   -2.293  11.190  1.00 0.00 ? 12 C A N3     1 
ATOM 373 C C4     . C A 1 12 ? 7.118   -2.452  11.711  1.00 0.00 ? 12 C A C4     1 
ATOM 374 N N4     . C A 1 12 ? 6.285   -1.412  11.675  1.00 0.00 ? 12 C A N4     1 
ATOM 375 C C5     . C A 1 12 ? 6.720   -3.700  12.287  1.00 0.00 ? 12 C A C5     1 
ATOM 376 C C6     . C A 1 12 ? 7.616   -4.705  12.288  1.00 0.00 ? 12 C A C6     1 
ATOM 377 H "H5'"  . C A 1 12 ? 8.017   -8.954  12.774  1.00 0.00 ? 12 C A "H5'"  1 
ATOM 378 H "H5''" . C A 1 12 ? 9.040   -9.289  14.184  1.00 0.00 ? 12 C A "H5''" 1 
ATOM 379 H "H4'"  . C A 1 12 ? 10.491  -8.267  12.635  1.00 0.00 ? 12 C A "H4'"  1 
ATOM 380 H "H3'"  . C A 1 12 ? 9.477   -6.144  14.595  1.00 0.00 ? 12 C A "H3'"  1 
ATOM 381 H "H2'"  . C A 1 12 ? 10.786  -4.531  13.394  1.00 0.00 ? 12 C A "H2'"  1 
ATOM 382 H "HO2'" . C A 1 12 ? 12.064  -6.435  11.780  1.00 0.00 ? 12 C A "HO2'" 1 
ATOM 383 H "H1'"  . C A 1 12 ? 10.408  -5.623  10.820  1.00 0.00 ? 12 C A "H1'"  1 
ATOM 384 H H41    . C A 1 12 ? 6.582   -0.542  11.258  1.00 0.00 ? 12 C A H41    1 
ATOM 385 H H42    . C A 1 12 ? 5.357   -1.495  12.064  1.00 0.00 ? 12 C A H42    1 
ATOM 386 H H5     . C A 1 12 ? 5.727   -3.842  12.713  1.00 0.00 ? 12 C A H5     1 
ATOM 387 H H6     . C A 1 12 ? 7.345   -5.668  12.722  1.00 0.00 ? 12 C A H6     1 
ATOM 388 P P      . U A 1 13 ? 11.757  -6.553  16.073  1.00 0.00 ? 13 U A P      1 
ATOM 389 O OP1    . U A 1 13 ? 13.167  -6.928  16.320  1.00 0.00 ? 13 U A OP1    1 
ATOM 390 O OP2    . U A 1 13 ? 10.712  -6.924  17.054  1.00 0.00 ? 13 U A OP2    1 
ATOM 391 O "O5'"  . U A 1 13 ? 11.692  -4.959  15.847  1.00 0.00 ? 13 U A "O5'"  1 
ATOM 392 C "C5'"  . U A 1 13 ? 12.857  -4.234  15.445  1.00 0.00 ? 13 U A "C5'"  1 
ATOM 393 C "C4'"  . U A 1 13 ? 12.492  -2.884  14.828  1.00 0.00 ? 13 U A "C4'"  1 
ATOM 394 O "O4'"  . U A 1 13 ? 11.251  -3.009  14.132  1.00 0.00 ? 13 U A "O4'"  1 
ATOM 395 C "C3'"  . U A 1 13 ? 12.242  -1.771  15.830  1.00 0.00 ? 13 U A "C3'"  1 
ATOM 396 O "O3'"  . U A 1 13 ? 13.478  -1.068  15.989  1.00 0.00 ? 13 U A "O3'"  1 
ATOM 397 C "C2'"  . U A 1 13 ? 11.296  -0.833  15.092  1.00 0.00 ? 13 U A "C2'"  1 
ATOM 398 O "O2'"  . U A 1 13 ? 12.036  0.110   14.313  1.00 0.00 ? 13 U A "O2'"  1 
ATOM 399 C "C1'"  . U A 1 13 ? 10.510  -1.779  14.180  1.00 0.00 ? 13 U A "C1'"  1 
ATOM 400 N N1     . U A 1 13 ? 9.152   -2.053  14.695  1.00 0.00 ? 13 U A N1     1 
ATOM 401 C C2     . U A 1 13 ? 8.186   -1.083  14.495  1.00 0.00 ? 13 U A C2     1 
ATOM 402 O O2     . U A 1 13 ? 8.425   -0.025  13.914  1.00 0.00 ? 13 U A O2     1 
ATOM 403 N N3     . U A 1 13 ? 6.928   -1.370  14.986  1.00 0.00 ? 13 U A N3     1 
ATOM 404 C C4     . U A 1 13 ? 6.556   -2.524  15.649  1.00 0.00 ? 13 U A C4     1 
ATOM 405 O O4     . U A 1 13 ? 5.399   -2.664  16.039  1.00 0.00 ? 13 U A O4     1 
ATOM 406 C C5     . U A 1 13 ? 7.618   -3.489  15.820  1.00 0.00 ? 13 U A C5     1 
ATOM 407 C C6     . U A 1 13 ? 8.861   -3.226  15.343  1.00 0.00 ? 13 U A C6     1 
ATOM 408 H "H5'"  . U A 1 13 ? 13.408  -4.826  14.714  1.00 0.00 ? 13 U A "H5'"  1 
ATOM 409 H "H5''" . U A 1 13 ? 13.491  -4.066  16.316  1.00 0.00 ? 13 U A "H5''" 1 
ATOM 410 H "H4'"  . U A 1 13 ? 13.268  -2.592  14.119  1.00 0.00 ? 13 U A "H4'"  1 
ATOM 411 H "H3'"  . U A 1 13 ? 11.849  -2.125  16.783  1.00 0.00 ? 13 U A "H3'"  1 
ATOM 412 H "H2'"  . U A 1 13 ? 10.629  -0.325  15.792  1.00 0.00 ? 13 U A "H2'"  1 
ATOM 413 H "HO2'" . U A 1 13 ? 11.597  0.185   13.463  1.00 0.00 ? 13 U A "HO2'" 1 
ATOM 414 H "H1'"  . U A 1 13 ? 10.438  -1.368  13.173  1.00 0.00 ? 13 U A "H1'"  1 
ATOM 415 H H3     . U A 1 13 ? 6.212   -0.670  14.849  1.00 0.00 ? 13 U A H3     1 
ATOM 416 H H5     . U A 1 13 ? 7.421   -4.431  16.331  1.00 0.00 ? 13 U A H5     1 
ATOM 417 H H6     . U A 1 13 ? 9.650   -3.966  15.480  1.00 0.00 ? 13 U A H6     1 
ATOM 418 P P      . U A 1 14 ? 14.250  -1.059  17.403  1.00 0.00 ? 14 U A P      1 
ATOM 419 O OP1    . U A 1 14 ? 15.558  -0.393  17.210  1.00 0.00 ? 14 U A OP1    1 
ATOM 420 O OP2    . U A 1 14 ? 14.197  -2.426  17.967  1.00 0.00 ? 14 U A OP2    1 
ATOM 421 O "O5'"  . U A 1 14 ? 13.324  -0.104  18.310  1.00 0.00 ? 14 U A "O5'"  1 
ATOM 422 C "C5'"  . U A 1 14 ? 12.718  1.069   17.757  1.00 0.00 ? 14 U A "C5'"  1 
ATOM 423 C "C4'"  . U A 1 14 ? 13.642  2.280   17.833  1.00 0.00 ? 14 U A "C4'"  1 
ATOM 424 O "O4'"  . U A 1 14 ? 14.893  1.957   17.210  1.00 0.00 ? 14 U A "O4'"  1 
ATOM 425 C "C3'"  . U A 1 14 ? 13.128  3.507   17.088  1.00 0.00 ? 14 U A "C3'"  1 
ATOM 426 O "O3'"  . U A 1 14 ? 13.668  4.658   17.740  1.00 0.00 ? 14 U A "O3'"  1 
ATOM 427 C "C2'"  . U A 1 14 ? 13.796  3.414   15.726  1.00 0.00 ? 14 U A "C2'"  1 
ATOM 428 O "O2'"  . U A 1 14 ? 13.963  4.715   15.157  1.00 0.00 ? 14 U A "O2'"  1 
ATOM 429 C "C1'"  . U A 1 14 ? 15.146  2.810   16.085  1.00 0.00 ? 14 U A "C1'"  1 
ATOM 430 N N1     . U A 1 14 ? 15.696  1.979   14.982  1.00 0.00 ? 14 U A N1     1 
ATOM 431 C C2     . U A 1 14 ? 16.863  2.399   14.358  1.00 0.00 ? 14 U A C2     1 
ATOM 432 O O2     . U A 1 14 ? 17.453  3.427   14.686  1.00 0.00 ? 14 U A O2     1 
ATOM 433 N N3     . U A 1 14 ? 17.330  1.592   13.339  1.00 0.00 ? 14 U A N3     1 
ATOM 434 C C4     . U A 1 14 ? 16.744  0.421   12.894  1.00 0.00 ? 14 U A C4     1 
ATOM 435 O O4     . U A 1 14 ? 17.257  -0.212  11.974  1.00 0.00 ? 14 U A O4     1 
ATOM 436 C C5     . U A 1 14 ? 15.536  0.050   13.592  1.00 0.00 ? 14 U A C5     1 
ATOM 437 C C6     . U A 1 14 ? 15.059  0.829   14.595  1.00 0.00 ? 14 U A C6     1 
ATOM 438 H "H5'"  . U A 1 14 ? 11.802  1.285   18.305  1.00 0.00 ? 14 U A "H5'"  1 
ATOM 439 H "H5''" . U A 1 14 ? 12.471  0.881   16.714  1.00 0.00 ? 14 U A "H5''" 1 
ATOM 440 H "H4'"  . U A 1 14 ? 13.822  2.518   18.882  1.00 0.00 ? 14 U A "H4'"  1 
ATOM 441 H "H3'"  . U A 1 14 ? 12.042  3.550   17.032  1.00 0.00 ? 14 U A "H3'"  1 
ATOM 442 H "H2'"  . U A 1 14 ? 13.237  2.758   15.059  1.00 0.00 ? 14 U A "H2'"  1 
ATOM 443 H "HO2'" . U A 1 14 ? 14.892  4.943   15.234  1.00 0.00 ? 14 U A "HO2'" 1 
ATOM 444 H "H1'"  . U A 1 14 ? 15.858  3.586   16.375  1.00 0.00 ? 14 U A "H1'"  1 
ATOM 445 H H3     . U A 1 14 ? 18.178  1.885   12.874  1.00 0.00 ? 14 U A H3     1 
ATOM 446 H H5     . U A 1 14 ? 15.003  -0.860  13.311  1.00 0.00 ? 14 U A H5     1 
ATOM 447 H H6     . U A 1 14 ? 14.143  0.533   15.108  1.00 0.00 ? 14 U A H6     1 
ATOM 448 P P      . C A 1 15 ? 12.925  6.081   17.619  1.00 0.00 ? 15 C A P      1 
ATOM 449 O OP1    . C A 1 15 ? 13.939  7.106   17.282  1.00 0.00 ? 15 C A OP1    1 
ATOM 450 O OP2    . C A 1 15 ? 12.066  6.258   18.812  1.00 0.00 ? 15 C A OP2    1 
ATOM 451 O "O5'"  . C A 1 15 ? 11.971  5.877   16.337  1.00 0.00 ? 15 C A "O5'"  1 
ATOM 452 C "C5'"  . C A 1 15 ? 10.805  6.690   16.166  1.00 0.00 ? 15 C A "C5'"  1 
ATOM 453 C "C4'"  . C A 1 15 ? 10.171  6.496   14.792  1.00 0.00 ? 15 C A "C4'"  1 
ATOM 454 O "O4'"  . C A 1 15 ? 9.853   5.105   14.607  1.00 0.00 ? 15 C A "O4'"  1 
ATOM 455 C "C3'"  . C A 1 15 ? 8.840   7.213   14.603  1.00 0.00 ? 15 C A "C3'"  1 
ATOM 456 O "O3'"  . C A 1 15 ? 8.634   7.344   13.192  1.00 0.00 ? 15 C A "O3'"  1 
ATOM 457 C "C2'"  . C A 1 15 ? 7.840   6.191   15.106  1.00 0.00 ? 15 C A "C2'"  1 
ATOM 458 O "O2'"  . C A 1 15 ? 6.539   6.443   14.570  1.00 0.00 ? 15 C A "O2'"  1 
ATOM 459 C "C1'"  . C A 1 15 ? 8.427   4.921   14.525  1.00 0.00 ? 15 C A "C1'"  1 
ATOM 460 N N1     . C A 1 15 ? 8.037   3.731   15.302  1.00 0.00 ? 15 C A N1     1 
ATOM 461 C C2     . C A 1 15 ? 6.689   3.408   15.345  1.00 0.00 ? 15 C A C2     1 
ATOM 462 O O2     . C A 1 15 ? 5.870   4.086   14.727  1.00 0.00 ? 15 C A O2     1 
ATOM 463 N N3     . C A 1 15 ? 6.299   2.332   16.081  1.00 0.00 ? 15 C A N3     1 
ATOM 464 C C4     . C A 1 15 ? 7.199   1.602   16.750  1.00 0.00 ? 15 C A C4     1 
ATOM 465 N N4     . C A 1 15 ? 6.757   0.563   17.458  1.00 0.00 ? 15 C A N4     1 
ATOM 466 C C5     . C A 1 15 ? 8.590   1.931   16.706  1.00 0.00 ? 15 C A C5     1 
ATOM 467 C C6     . C A 1 15 ? 8.962   2.994   15.975  1.00 0.00 ? 15 C A C6     1 
ATOM 468 H "H5'"  . C A 1 15 ? 11.085  7.737   16.283  1.00 0.00 ? 15 C A "H5'"  1 
ATOM 469 H "H5''" . C A 1 15 ? 10.076  6.430   16.932  1.00 0.00 ? 15 C A "H5''" 1 
ATOM 470 H "H4'"  . C A 1 15 ? 10.883  6.801   14.025  1.00 0.00 ? 15 C A "H4'"  1 
ATOM 471 H "H3'"  . C A 1 15 ? 8.783   8.172   15.118  1.00 0.00 ? 15 C A "H3'"  1 
ATOM 472 H "H2'"  . C A 1 15 ? 7.825   6.147   16.196  1.00 0.00 ? 15 C A "H2'"  1 
ATOM 473 H "HO2'" . C A 1 15 ? 5.904   6.247   15.262  1.00 0.00 ? 15 C A "HO2'" 1 
ATOM 474 H "H1'"  . C A 1 15 ? 8.132   4.794   13.487  1.00 0.00 ? 15 C A "H1'"  1 
ATOM 475 H H41    . C A 1 15 ? 5.764   0.396   17.542  1.00 0.00 ? 15 C A H41    1 
ATOM 476 H H42    . C A 1 15 ? 7.414   -0.053  17.914  1.00 0.00 ? 15 C A H42    1 
ATOM 477 H H5     . C A 1 15 ? 9.330   1.355   17.250  1.00 0.00 ? 15 C A H5     1 
ATOM 478 H H6     . C A 1 15 ? 10.015  3.265   15.914  1.00 0.00 ? 15 C A H6     1 
ATOM 479 P P      . G A 1 16 ? 7.490   8.318   12.614  1.00 0.00 ? 16 G A P      1 
ATOM 480 O OP1    . G A 1 16 ? 8.137   9.324   11.743  1.00 0.00 ? 16 G A OP1    1 
ATOM 481 O OP2    . G A 1 16 ? 6.643   8.757   13.745  1.00 0.00 ? 16 G A OP2    1 
ATOM 482 O "O5'"  . G A 1 16 ? 6.616   7.333   11.683  1.00 0.00 ? 16 G A "O5'"  1 
ATOM 483 C "C5'"  . G A 1 16 ? 7.244   6.400   10.793  1.00 0.00 ? 16 G A "C5'"  1 
ATOM 484 C "C4'"  . G A 1 16 ? 8.487   6.991   10.134  1.00 0.00 ? 16 G A "C4'"  1 
ATOM 485 O "O4'"  . G A 1 16 ? 9.620   6.761   10.975  1.00 0.00 ? 16 G A "O4'"  1 
ATOM 486 C "C3'"  . G A 1 16 ? 8.881   6.356   8.811   1.00 0.00 ? 16 G A "C3'"  1 
ATOM 487 O "O3'"  . G A 1 16 ? 8.237   7.109   7.777   1.00 0.00 ? 16 G A "O3'"  1 
ATOM 488 C "C2'"  . G A 1 16 ? 10.370  6.648   8.724   1.00 0.00 ? 16 G A "C2'"  1 
ATOM 489 O "O2'"  . G A 1 16 ? 10.593  7.963   8.210   1.00 0.00 ? 16 G A "O2'"  1 
ATOM 490 C "C1'"  . G A 1 16 ? 10.806  6.563   10.189  1.00 0.00 ? 16 G A "C1'"  1 
ATOM 491 N N9     . G A 1 16 ? 11.386  5.249   10.528  1.00 0.00 ? 16 G A N9     1 
ATOM 492 C C8     . G A 1 16 ? 12.689  4.836   10.415  1.00 0.00 ? 16 G A C8     1 
ATOM 493 N N7     . G A 1 16 ? 12.888  3.611   10.814  1.00 0.00 ? 16 G A N7     1 
ATOM 494 C C5     . G A 1 16 ? 11.630  3.180   11.220  1.00 0.00 ? 16 G A C5     1 
ATOM 495 C C6     . G A 1 16 ? 11.223  1.925   11.751  1.00 0.00 ? 16 G A C6     1 
ATOM 496 O O6     . G A 1 16 ? 11.912  0.930   11.970  1.00 0.00 ? 16 G A O6     1 
ATOM 497 N N1     . G A 1 16 ? 9.865   1.904   12.031  1.00 0.00 ? 16 G A N1     1 
ATOM 498 C C2     . G A 1 16 ? 9.002   2.955   11.825  1.00 0.00 ? 16 G A C2     1 
ATOM 499 N N2     . G A 1 16 ? 7.724   2.760   12.151  1.00 0.00 ? 16 G A N2     1 
ATOM 500 N N3     . G A 1 16 ? 9.372   4.137   11.326  1.00 0.00 ? 16 G A N3     1 
ATOM 501 C C4     . G A 1 16 ? 10.698  4.177   11.048  1.00 0.00 ? 16 G A C4     1 
ATOM 502 H "H5'"  . G A 1 16 ? 6.532   6.118   10.017  1.00 0.00 ? 16 G A "H5'"  1 
ATOM 503 H "H5''" . G A 1 16 ? 7.528   5.510   11.353  1.00 0.00 ? 16 G A "H5''" 1 
ATOM 504 H "H4'"  . G A 1 16 ? 8.347   8.066   10.016  1.00 0.00 ? 16 G A "H4'"  1 
ATOM 505 H "H3'"  . G A 1 16 ? 8.644   5.291   8.748   1.00 0.00 ? 16 G A "H3'"  1 
ATOM 506 H "H2'"  . G A 1 16 ? 10.881  5.897   8.120   1.00 0.00 ? 16 G A "H2'"  1 
ATOM 507 H "HO2'" . G A 1 16 ? 11.300  8.356   8.729   1.00 0.00 ? 16 G A "HO2'" 1 
ATOM 508 H "H1'"  . G A 1 16 ? 11.529  7.345   10.424  1.00 0.00 ? 16 G A "H1'"  1 
ATOM 509 H H8     . G A 1 16 ? 13.484  5.472   10.028  1.00 0.00 ? 16 G A H8     1 
ATOM 510 H H1     . G A 1 16 ? 9.489   1.052   12.425  1.00 0.00 ? 16 G A H1     1 
ATOM 511 H H21    . G A 1 16 ? 7.441   1.897   12.592  1.00 0.00 ? 16 G A H21    1 
ATOM 512 H H22    . G A 1 16 ? 7.039   3.477   11.956  1.00 0.00 ? 16 G A H22    1 
ATOM 513 P P      . G A 1 17 ? 8.359   6.658   6.235   1.00 0.00 ? 17 G A P      1 
ATOM 514 O OP1    . G A 1 17 ? 8.038   7.826   5.384   1.00 0.00 ? 17 G A OP1    1 
ATOM 515 O OP2    . G A 1 17 ? 7.616   5.391   6.062   1.00 0.00 ? 17 G A OP2    1 
ATOM 516 O "O5'"  . G A 1 17 ? 9.932   6.346   6.092   1.00 0.00 ? 17 G A "O5'"  1 
ATOM 517 C "C5'"  . G A 1 17 ? 10.523  6.064   4.821   1.00 0.00 ? 17 G A "C5'"  1 
ATOM 518 C "C4'"  . G A 1 17 ? 10.757  4.563   4.638   1.00 0.00 ? 17 G A "C4'"  1 
ATOM 519 O "O4'"  . G A 1 17 ? 10.922  3.959   5.924   1.00 0.00 ? 17 G A "O4'"  1 
ATOM 520 C "C3'"  . G A 1 17 ? 9.595   3.792   4.042   1.00 0.00 ? 17 G A "C3'"  1 
ATOM 521 O "O3'"  . G A 1 17 ? 9.760   3.804   2.622   1.00 0.00 ? 17 G A "O3'"  1 
ATOM 522 C "C2'"  . G A 1 17 ? 9.861   2.371   4.513   1.00 0.00 ? 17 G A "C2'"  1 
ATOM 523 O "O2'"  . G A 1 17 ? 10.804  1.725   3.653   1.00 0.00 ? 17 G A "O2'"  1 
ATOM 524 C "C1'"  . G A 1 17 ? 10.468  2.594   5.900   1.00 0.00 ? 17 G A "C1'"  1 
ATOM 525 N N9     . G A 1 17 ? 9.479   2.390   6.979   1.00 0.00 ? 17 G A N9     1 
ATOM 526 C C8     . G A 1 17 ? 8.274   3.017   7.167   1.00 0.00 ? 17 G A C8     1 
ATOM 527 N N7     . G A 1 17 ? 7.616   2.590   8.209   1.00 0.00 ? 17 G A N7     1 
ATOM 528 C C5     . G A 1 17 ? 8.442   1.612   8.750   1.00 0.00 ? 17 G A C5     1 
ATOM 529 C C6     . G A 1 17 ? 8.254   0.793   9.896   1.00 0.00 ? 17 G A C6     1 
ATOM 530 O O6     . G A 1 17 ? 7.299   0.775   10.670  1.00 0.00 ? 17 G A O6     1 
ATOM 531 N N1     . G A 1 17 ? 9.324   -0.062  10.094  1.00 0.00 ? 17 G A N1     1 
ATOM 532 C C2     . G A 1 17 ? 10.442  -0.128  9.293   1.00 0.00 ? 17 G A C2     1 
ATOM 533 N N2     . G A 1 17 ? 11.378  -1.012  9.637   1.00 0.00 ? 17 G A N2     1 
ATOM 534 N N3     . G A 1 17 ? 10.630  0.636   8.213   1.00 0.00 ? 17 G A N3     1 
ATOM 535 C C4     . G A 1 17 ? 9.589   1.481   8.005   1.00 0.00 ? 17 G A C4     1 
ATOM 536 H "H5'"  . G A 1 17 ? 11.477  6.590   4.751   1.00 0.00 ? 17 G A "H5'"  1 
ATOM 537 H "H5''" . G A 1 17 ? 9.862   6.423   4.030   1.00 0.00 ? 17 G A "H5''" 1 
ATOM 538 H "H4'"  . G A 1 17 ? 11.663  4.406   4.050   1.00 0.00 ? 17 G A "H4'"  1 
ATOM 539 H "H3'"  . G A 1 17 ? 8.620   4.176   4.339   1.00 0.00 ? 17 G A "H3'"  1 
ATOM 540 H "H2'"  . G A 1 17 ? 8.935   1.801   4.580   1.00 0.00 ? 17 G A "H2'"  1 
ATOM 541 H "HO2'" . G A 1 17 ? 11.506  1.378   4.207   1.00 0.00 ? 17 G A "HO2'" 1 
ATOM 542 H "H1'"  . G A 1 17 ? 11.318  1.934   6.064   1.00 0.00 ? 17 G A "H1'"  1 
ATOM 543 H H8     . G A 1 17 ? 7.895   3.794   6.506   1.00 0.00 ? 17 G A H8     1 
ATOM 544 H H1     . G A 1 17 ? 9.273   -0.686  10.885  1.00 0.00 ? 17 G A H1     1 
ATOM 545 H H21    . G A 1 17 ? 11.283  -1.544  10.490  1.00 0.00 ? 17 G A H21    1 
ATOM 546 H H22    . G A 1 17 ? 12.186  -1.149  9.044   1.00 0.00 ? 17 G A H22    1 
ATOM 547 P P      . A A 1 18 ? 8.542   3.381   1.657   1.00 0.00 ? 18 A A P      1 
ATOM 548 O OP1    . A A 1 18 ? 8.954   3.625   0.257   1.00 0.00 ? 18 A A OP1    1 
ATOM 549 O OP2    . A A 1 18 ? 7.301   3.996   2.179   1.00 0.00 ? 18 A A OP2    1 
ATOM 550 O "O5'"  . A A 1 18 ? 8.450   1.789   1.886   1.00 0.00 ? 18 A A "O5'"  1 
ATOM 551 C "C5'"  . A A 1 18 ? 9.536   0.943   1.504   1.00 0.00 ? 18 A A "C5'"  1 
ATOM 552 C "C4'"  . A A 1 18 ? 9.294   -0.509  1.906   1.00 0.00 ? 18 A A "C4'"  1 
ATOM 553 O "O4'"  . A A 1 18 ? 9.396   -0.637  3.325   1.00 0.00 ? 18 A A "O4'"  1 
ATOM 554 C "C3'"  . A A 1 18 ? 7.907   -1.039  1.605   1.00 0.00 ? 18 A A "C3'"  1 
ATOM 555 O "O3'"  . A A 1 18 ? 7.938   -1.589  0.286   1.00 0.00 ? 18 A A "O3'"  1 
ATOM 556 C "C2'"  . A A 1 18 ? 7.773   -2.204  2.574   1.00 0.00 ? 18 A A "C2'"  1 
ATOM 557 O "O2'"  . A A 1 18 ? 8.371   -3.383  2.026   1.00 0.00 ? 18 A A "O2'"  1 
ATOM 558 C "C1'"  . A A 1 18 ? 8.567   -1.717  3.790   1.00 0.00 ? 18 A A "C1'"  1 
ATOM 559 N N9     . A A 1 18 ? 7.685   -1.223  4.866   1.00 0.00 ? 18 A A N9     1 
ATOM 560 C C8     . A A 1 18 ? 6.952   -0.063  4.916   1.00 0.00 ? 18 A A C8     1 
ATOM 561 N N7     . A A 1 18 ? 6.254   0.066   6.011   1.00 0.00 ? 18 A A N7     1 
ATOM 562 C C5     . A A 1 18 ? 6.547   -1.085  6.732   1.00 0.00 ? 18 A A C5     1 
ATOM 563 C C6     . A A 1 18 ? 6.124   -1.557  7.985   1.00 0.00 ? 18 A A C6     1 
ATOM 564 N N6     . A A 1 18 ? 5.275   -0.896  8.772   1.00 0.00 ? 18 A A N6     1 
ATOM 565 N N1     . A A 1 18 ? 6.606   -2.739  8.405   1.00 0.00 ? 18 A A N1     1 
ATOM 566 C C2     . A A 1 18 ? 7.451   -3.403  7.626   1.00 0.00 ? 18 A A C2     1 
ATOM 567 N N3     . A A 1 18 ? 7.923   -3.071  6.433   1.00 0.00 ? 18 A A N3     1 
ATOM 568 C C4     . A A 1 18 ? 7.418   -1.879  6.045   1.00 0.00 ? 18 A A C4     1 
ATOM 569 H "H5'"  . A A 1 18 ? 10.448  1.296   1.986   1.00 0.00 ? 18 A A "H5'"  1 
ATOM 570 H "H5''" . A A 1 18 ? 9.664   0.994   0.422   1.00 0.00 ? 18 A A "H5''" 1 
ATOM 571 H "H4'"  . A A 1 18 ? 10.053  -1.137  1.439   1.00 0.00 ? 18 A A "H4'"  1 
ATOM 572 H "H3'"  . A A 1 18 ? 7.123   -0.291  1.716   1.00 0.00 ? 18 A A "H3'"  1 
ATOM 573 H "H2'"  . A A 1 18 ? 6.731   -2.376  2.836   1.00 0.00 ? 18 A A "H2'"  1 
ATOM 574 H "HO2'" . A A 1 18 ? 9.260   -3.443  2.380   1.00 0.00 ? 18 A A "HO2'" 1 
ATOM 575 H "H1'"  . A A 1 18 ? 9.200   -2.512  4.183   1.00 0.00 ? 18 A A "H1'"  1 
ATOM 576 H H8     . A A 1 18 ? 6.948   0.678   4.117   1.00 0.00 ? 18 A A H8     1 
ATOM 577 H H61    . A A 1 18 ? 4.970   -1.307  9.643   1.00 0.00 ? 18 A A H61    1 
ATOM 578 H H62    . A A 1 18 ? 4.937   0.015   8.498   1.00 0.00 ? 18 A A H62    1 
ATOM 579 H H2     . A A 1 18 ? 7.808   -4.355  8.024   1.00 0.00 ? 18 A A H2     1 
ATOM 580 P P      . C A 1 19 ? 6.579   -2.068  -0.432  1.00 0.00 ? 19 C A P      1 
ATOM 581 O OP1    . C A 1 19 ? 6.918   -2.561  -1.785  1.00 0.00 ? 19 C A OP1    1 
ATOM 582 O OP2    . C A 1 19 ? 5.567   -1.000  -0.267  1.00 0.00 ? 19 C A OP2    1 
ATOM 583 O "O5'"  . C A 1 19 ? 6.132   -3.329  0.466   1.00 0.00 ? 19 C A "O5'"  1 
ATOM 584 C "C5'"  . C A 1 19 ? 6.781   -4.593  0.313   1.00 0.00 ? 19 C A "C5'"  1 
ATOM 585 C "C4'"  . C A 1 19 ? 6.550   -5.497  1.523   1.00 0.00 ? 19 C A "C4'"  1 
ATOM 586 O "O4'"  . C A 1 19 ? 6.512   -4.700  2.712   1.00 0.00 ? 19 C A "O4'"  1 
ATOM 587 C "C3'"  . C A 1 19 ? 5.220   -6.228  1.531   1.00 0.00 ? 19 C A "C3'"  1 
ATOM 588 O "O3'"  . C A 1 19 ? 5.425   -7.492  0.893   1.00 0.00 ? 19 C A "O3'"  1 
ATOM 589 C "C2'"  . C A 1 19 ? 5.000   -6.497  3.009   1.00 0.00 ? 19 C A "C2'"  1 
ATOM 590 O "O2'"  . C A 1 19 ? 5.770   -7.626  3.435   1.00 0.00 ? 19 C A "O2'"  1 
ATOM 591 C "C1'"  . C A 1 19 ? 5.536   -5.214  3.638   1.00 0.00 ? 19 C A "C1'"  1 
ATOM 592 N N1     . C A 1 19 ? 4.476   -4.195  3.818   1.00 0.00 ? 19 C A N1     1 
ATOM 593 C C2     . C A 1 19 ? 3.750   -4.213  5.003   1.00 0.00 ? 19 C A C2     1 
ATOM 594 O O2     . C A 1 19 ? 3.992   -5.060  5.862   1.00 0.00 ? 19 C A O2     1 
ATOM 595 N N3     . C A 1 19 ? 2.775   -3.283  5.187   1.00 0.00 ? 19 C A N3     1 
ATOM 596 C C4     . C A 1 19 ? 2.517   -2.367  4.244   1.00 0.00 ? 19 C A C4     1 
ATOM 597 N N4     . C A 1 19 ? 1.550   -1.480  4.484   1.00 0.00 ? 19 C A N4     1 
ATOM 598 C C5     . C A 1 19 ? 3.258   -2.342  3.022   1.00 0.00 ? 19 C A C5     1 
ATOM 599 C C6     . C A 1 19 ? 4.221   -3.267  2.851   1.00 0.00 ? 19 C A C6     1 
ATOM 600 H "H5'"  . C A 1 19 ? 7.852   -4.428  0.187   1.00 0.00 ? 19 C A "H5'"  1 
ATOM 601 H "H5''" . C A 1 19 ? 6.392   -5.087  -0.578  1.00 0.00 ? 19 C A "H5''" 1 
ATOM 602 H "H4'"  . C A 1 19 ? 7.375   -6.208  1.599   1.00 0.00 ? 19 C A "H4'"  1 
ATOM 603 H "H3'"  . C A 1 19 ? 4.412   -5.662  1.068   1.00 0.00 ? 19 C A "H3'"  1 
ATOM 604 H "H2'"  . C A 1 19 ? 3.944   -6.632  3.233   1.00 0.00 ? 19 C A "H2'"  1 
ATOM 605 H "HO2'" . C A 1 19 ? 6.522   -7.288  3.926   1.00 0.00 ? 19 C A "HO2'" 1 
ATOM 606 H "H1'"  . C A 1 19 ? 6.020   -5.419  4.593   1.00 0.00 ? 19 C A "H1'"  1 
ATOM 607 H H41    . C A 1 19 ? 0.988   -1.560  5.320   1.00 0.00 ? 19 C A H41    1 
ATOM 608 H H42    . C A 1 19 ? 1.380   -0.730  3.831   1.00 0.00 ? 19 C A H42    1 
ATOM 609 H H5     . C A 1 19 ? 3.058   -1.601  2.248   1.00 0.00 ? 19 C A H5     1 
ATOM 610 H H6     . C A 1 19 ? 4.797   -3.281  1.926   1.00 0.00 ? 19 C A H6     1 
ATOM 611 P P      . C A 1 20 ? 4.515   -7.933  -0.361  1.00 0.00 ? 20 C A P      1 
ATOM 612 O OP1    . C A 1 20 ? 5.226   -9.002  -1.097  1.00 0.00 ? 20 C A OP1    1 
ATOM 613 O OP2    . C A 1 20 ? 4.082   -6.710  -1.072  1.00 0.00 ? 20 C A OP2    1 
ATOM 614 O "O5'"  . C A 1 20 ? 3.226   -8.584  0.353   1.00 0.00 ? 20 C A "O5'"  1 
ATOM 615 C "C5'"  . C A 1 20 ? 3.369   -9.730  1.195   1.00 0.00 ? 20 C A "C5'"  1 
ATOM 616 C "C4'"  . C A 1 20 ? 2.068   -10.064 1.917   1.00 0.00 ? 20 C A "C4'"  1 
ATOM 617 O "O4'"  . C A 1 20 ? 1.903   -9.185  3.030   1.00 0.00 ? 20 C A "O4'"  1 
ATOM 618 C "C3'"  . C A 1 20 ? 0.809   -9.847  1.103   1.00 0.00 ? 20 C A "C3'"  1 
ATOM 619 O "O3'"  . C A 1 20 ? 0.528   -11.073 0.423   1.00 0.00 ? 20 C A "O3'"  1 
ATOM 620 C "C2'"  . C A 1 20 ? -0.261  -9.669  2.171   1.00 0.00 ? 20 C A "C2'"  1 
ATOM 621 O "O2'"  . C A 1 20 ? -0.738  -10.940 2.617   1.00 0.00 ? 20 C A "O2'"  1 
ATOM 622 C "C1'"  . C A 1 20 ? 0.507   -8.960  3.293   1.00 0.00 ? 20 C A "C1'"  1 
ATOM 623 N N1     . C A 1 20 ? 0.254   -7.502  3.305   1.00 0.00 ? 20 C A N1     1 
ATOM 624 C C2     . C A 1 20 ? -0.859  -7.041  3.997   1.00 0.00 ? 20 C A C2     1 
ATOM 625 O O2     . C A 1 20 ? -1.592  -7.834  4.584   1.00 0.00 ? 20 C A O2     1 
ATOM 626 N N3     . C A 1 20 ? -1.114  -5.704  4.010   1.00 0.00 ? 20 C A N3     1 
ATOM 627 C C4     . C A 1 20 ? -0.308  -4.849  3.369   1.00 0.00 ? 20 C A C4     1 
ATOM 628 N N4     . C A 1 20 ? -0.611  -3.551  3.417   1.00 0.00 ? 20 C A N4     1 
ATOM 629 C C5     . C A 1 20 ? 0.840   -5.315  2.654   1.00 0.00 ? 20 C A C5     1 
ATOM 630 C C6     . C A 1 20 ? 1.083   -6.639  2.648   1.00 0.00 ? 20 C A C6     1 
ATOM 631 H "H5'"  . C A 1 20 ? 4.144   -9.533  1.935   1.00 0.00 ? 20 C A "H5'"  1 
ATOM 632 H "H5''" . C A 1 20 ? 3.668   -10.584 0.587   1.00 0.00 ? 20 C A "H5''" 1 
ATOM 633 H "H4'"  . C A 1 20 ? 2.118   -11.091 2.281   1.00 0.00 ? 20 C A "H4'"  1 
ATOM 634 H "H3'"  . C A 1 20 ? 0.878   -9.005  0.414   1.00 0.00 ? 20 C A "H3'"  1 
ATOM 635 H "H2'"  . C A 1 20 ? -1.078  -9.048  1.805   1.00 0.00 ? 20 C A "H2'"  1 
ATOM 636 H "HO2'" . C A 1 20 ? -0.111  -11.268 3.267   1.00 0.00 ? 20 C A "HO2'" 1 
ATOM 637 H "H1'"  . C A 1 20 ? 0.254   -9.386  4.266   1.00 0.00 ? 20 C A "H1'"  1 
ATOM 638 H H41    . C A 1 20 ? -1.407  -3.239  3.955   1.00 0.00 ? 20 C A H41    1 
ATOM 639 H H42    . C A 1 20 ? -0.047  -2.881  2.915   1.00 0.00 ? 20 C A H42    1 
ATOM 640 H H5     . C A 1 20 ? 1.503   -4.627  2.129   1.00 0.00 ? 20 C A H5     1 
ATOM 641 H H6     . C A 1 20 ? 1.948   -7.027  2.111   1.00 0.00 ? 20 C A H6     1 
ATOM 642 P P      . G A 1 21 ? -0.504  -11.101 -0.812  1.00 0.00 ? 21 G A P      1 
ATOM 643 O OP1    . G A 1 21 ? -0.771  -12.514 -1.160  1.00 0.00 ? 21 G A OP1    1 
ATOM 644 O OP2    . G A 1 21 ? -0.014  -10.165 -1.848  1.00 0.00 ? 21 G A OP2    1 
ATOM 645 O "O5'"  . G A 1 21 ? -1.841  -10.481 -0.165  1.00 0.00 ? 21 G A "O5'"  1 
ATOM 646 C "C5'"  . G A 1 21 ? -2.684  -11.284 0.666   1.00 0.00 ? 21 G A "C5'"  1 
ATOM 647 C "C4'"  . G A 1 21 ? -4.081  -10.689 0.789   1.00 0.00 ? 21 G A "C4'"  1 
ATOM 648 O "O4'"  . G A 1 21 ? -4.064  -9.640  1.758   1.00 0.00 ? 21 G A "O4'"  1 
ATOM 649 C "C3'"  . G A 1 21 ? -4.602  -10.014 -0.464  1.00 0.00 ? 21 G A "C3'"  1 
ATOM 650 O "O3'"  . G A 1 21 ? -5.310  -11.002 -1.217  1.00 0.00 ? 21 G A "O3'"  1 
ATOM 651 C "C2'"  . G A 1 21 ? -5.635  -9.040  0.079   1.00 0.00 ? 21 G A "C2'"  1 
ATOM 652 O "O2'"  . G A 1 21 ? -6.885  -9.701  0.292   1.00 0.00 ? 21 G A "O2'"  1 
ATOM 653 C "C1'"  . G A 1 21 ? -5.016  -8.619  1.415   1.00 0.00 ? 21 G A "C1'"  1 
ATOM 654 N N9     . G A 1 21 ? -4.313  -7.326  1.322   1.00 0.00 ? 21 G A N9     1 
ATOM 655 C C8     . G A 1 21 ? -3.081  -7.054  0.786   1.00 0.00 ? 21 G A C8     1 
ATOM 656 N N7     . G A 1 21 ? -2.743  -5.796  0.856   1.00 0.00 ? 21 G A N7     1 
ATOM 657 C C5     . G A 1 21 ? -3.828  -5.192  1.482   1.00 0.00 ? 21 G A C5     1 
ATOM 658 C C6     . G A 1 21 ? -4.038  -3.829  1.831   1.00 0.00 ? 21 G A C6     1 
ATOM 659 O O6     . G A 1 21 ? -3.291  -2.869  1.647   1.00 0.00 ? 21 G A O6     1 
ATOM 660 N N1     . G A 1 21 ? -5.265  -3.643  2.450   1.00 0.00 ? 21 G A N1     1 
ATOM 661 C C2     . G A 1 21 ? -6.180  -4.640  2.703   1.00 0.00 ? 21 G A C2     1 
ATOM 662 N N2     . G A 1 21 ? -7.312  -4.283  3.310   1.00 0.00 ? 21 G A N2     1 
ATOM 663 N N3     . G A 1 21 ? -5.993  -5.922  2.379   1.00 0.00 ? 21 G A N3     1 
ATOM 664 C C4     . G A 1 21 ? -4.797  -6.121  1.773   1.00 0.00 ? 21 G A C4     1 
ATOM 665 H "H5'"  . G A 1 21 ? -2.239  -11.358 1.658   1.00 0.00 ? 21 G A "H5'"  1 
ATOM 666 H "H5''" . G A 1 21 ? -2.758  -12.283 0.235   1.00 0.00 ? 21 G A "H5''" 1 
ATOM 667 H "H4'"  . G A 1 21 ? -4.770  -11.468 1.121   1.00 0.00 ? 21 G A "H4'"  1 
ATOM 668 H "H3'"  . G A 1 21 ? -3.821  -9.535  -1.054  1.00 0.00 ? 21 G A "H3'"  1 
ATOM 669 H "H2'"  . G A 1 21 ? -5.750  -8.183  -0.584  1.00 0.00 ? 21 G A "H2'"  1 
ATOM 670 H "HO2'" . G A 1 21 ? -6.793  -10.237 1.083   1.00 0.00 ? 21 G A "HO2'" 1 
ATOM 671 H "H1'"  . G A 1 21 ? -5.777  -8.559  2.192   1.00 0.00 ? 21 G A "H1'"  1 
ATOM 672 H H8     . G A 1 21 ? -2.440  -7.818  0.344   1.00 0.00 ? 21 G A H8     1 
ATOM 673 H H1     . G A 1 21 ? -5.499  -2.702  2.732   1.00 0.00 ? 21 G A H1     1 
ATOM 674 H H21    . G A 1 21 ? -7.483  -3.312  3.527   1.00 0.00 ? 21 G A H21    1 
ATOM 675 H H22    . G A 1 21 ? -7.997  -4.983  3.552   1.00 0.00 ? 21 G A H22    1 
ATOM 676 P P      . G A 1 22 ? -5.849  -10.669 -2.697  1.00 0.00 ? 22 G A P      1 
ATOM 677 O OP1    . G A 1 22 ? -6.640  -11.826 -3.173  1.00 0.00 ? 22 G A OP1    1 
ATOM 678 O OP2    . G A 1 22 ? -4.714  -10.170 -3.503  1.00 0.00 ? 22 G A OP2    1 
ATOM 679 O "O5'"  . G A 1 22 ? -6.859  -9.443  -2.435  1.00 0.00 ? 22 G A "O5'"  1 
ATOM 680 C "C5'"  . G A 1 22 ? -8.198  -9.689  -1.995  1.00 0.00 ? 22 G A "C5'"  1 
ATOM 681 C "C4'"  . G A 1 22 ? -9.036  -8.415  -1.999  1.00 0.00 ? 22 G A "C4'"  1 
ATOM 682 O "O4'"  . G A 1 22 ? -8.535  -7.514  -1.006  1.00 0.00 ? 22 G A "O4'"  1 
ATOM 683 C "C3'"  . G A 1 22 ? -8.971  -7.609  -3.283  1.00 0.00 ? 22 G A "C3'"  1 
ATOM 684 O "O3'"  . G A 1 22 ? -10.034 -8.058  -4.125  1.00 0.00 ? 22 G A "O3'"  1 
ATOM 685 C "C2'"  . G A 1 22 ? -9.327  -6.207  -2.821  1.00 0.00 ? 22 G A "C2'"  1 
ATOM 686 O "O2'"  . G A 1 22 ? -10.745 -6.059  -2.709  1.00 0.00 ? 22 G A "O2'"  1 
ATOM 687 C "C1'"  . G A 1 22 ? -8.672  -6.150  -1.441  1.00 0.00 ? 22 G A "C1'"  1 
ATOM 688 N N9     . G A 1 22 ? -7.333  -5.528  -1.486  1.00 0.00 ? 22 G A N9     1 
ATOM 689 C C8     . G A 1 22 ? -6.182  -6.016  -2.046  1.00 0.00 ? 22 G A C8     1 
ATOM 690 N N7     . G A 1 22 ? -5.159  -5.217  -1.922  1.00 0.00 ? 22 G A N7     1 
ATOM 691 C C5     . G A 1 22 ? -5.668  -4.123  -1.231  1.00 0.00 ? 22 G A C5     1 
ATOM 692 C C6     . G A 1 22 ? -5.021  -2.932  -0.807  1.00 0.00 ? 22 G A C6     1 
ATOM 693 O O6     . G A 1 22 ? -3.845  -2.606  -0.960  1.00 0.00 ? 22 G A O6     1 
ATOM 694 N N1     . G A 1 22 ? -5.895  -2.085  -0.142  1.00 0.00 ? 22 G A N1     1 
ATOM 695 C C2     . G A 1 22 ? -7.226  -2.346  0.088   1.00 0.00 ? 22 G A C2     1 
ATOM 696 N N2     . G A 1 22 ? -7.921  -1.416  0.742   1.00 0.00 ? 22 G A N2     1 
ATOM 697 N N3     . G A 1 22 ? -7.843  -3.463  -0.306  1.00 0.00 ? 22 G A N3     1 
ATOM 698 C C4     . G A 1 22 ? -7.003  -4.303  -0.959  1.00 0.00 ? 22 G A C4     1 
ATOM 699 H "H5'"  . G A 1 22 ? -8.171  -10.092 -0.983  1.00 0.00 ? 22 G A "H5'"  1 
ATOM 700 H "H5''" . G A 1 22 ? -8.660  -10.420 -2.657  1.00 0.00 ? 22 G A "H5''" 1 
ATOM 701 H "H4'"  . G A 1 22 ? -10.068 -8.669  -1.759  1.00 0.00 ? 22 G A "H4'"  1 
ATOM 702 H "H3'"  . G A 1 22 ? -8.004  -7.667  -3.783  1.00 0.00 ? 22 G A "H3'"  1 
ATOM 703 H "H2'"  . G A 1 22 ? -8.903  -5.456  -3.486  1.00 0.00 ? 22 G A "H2'"  1 
ATOM 704 H "HO2'" . G A 1 22 ? -10.910 -5.320  -2.119  1.00 0.00 ? 22 G A "HO2'" 1 
ATOM 705 H "H1'"  . G A 1 22 ? -9.299  -5.607  -0.733  1.00 0.00 ? 22 G A "H1'"  1 
ATOM 706 H H8     . G A 1 22 ? -6.126  -6.981  -2.551  1.00 0.00 ? 22 G A H8     1 
ATOM 707 H H1     . G A 1 22 ? -5.518  -1.211  0.197   1.00 0.00 ? 22 G A H1     1 
ATOM 708 H H21    . G A 1 22 ? -7.484  -0.540  0.989   1.00 0.00 ? 22 G A H21    1 
ATOM 709 H H22    . G A 1 22 ? -8.884  -1.588  0.993   1.00 0.00 ? 22 G A H22    1 
ATOM 710 P P      . C A 1 23 ? -10.057 -7.669  -5.688  1.00 0.00 ? 23 C A P      1 
ATOM 711 O OP1    . C A 1 23 ? -11.173 -8.398  -6.329  1.00 0.00 ? 23 C A OP1    1 
ATOM 712 O OP2    . C A 1 23 ? -8.682  -7.808  -6.219  1.00 0.00 ? 23 C A OP2    1 
ATOM 713 O "O5'"  . C A 1 23 ? -10.429 -6.102  -5.657  1.00 0.00 ? 23 C A "O5'"  1 
ATOM 714 C "C5'"  . C A 1 23 ? -11.792 -5.681  -5.746  1.00 0.00 ? 23 C A "C5'"  1 
ATOM 715 C "C4'"  . C A 1 23 ? -11.967 -4.228  -5.301  1.00 0.00 ? 23 C A "C4'"  1 
ATOM 716 O "O4'"  . C A 1 23 ? -10.993 -3.916  -4.299  1.00 0.00 ? 23 C A "O4'"  1 
ATOM 717 C "C3'"  . C A 1 23 ? -11.714 -3.192  -6.379  1.00 0.00 ? 23 C A "C3'"  1 
ATOM 718 O "O3'"  . C A 1 23 ? -12.961 -2.942  -7.032  1.00 0.00 ? 23 C A "O3'"  1 
ATOM 719 C "C2'"  . C A 1 23 ? -11.371 -1.953  -5.570  1.00 0.00 ? 23 C A "C2'"  1 
ATOM 720 O "O2'"  . C A 1 23 ? -12.561 -1.331  -5.076  1.00 0.00 ? 23 C A "O2'"  1 
ATOM 721 C "C1'"  . C A 1 23 ? -10.561 -2.548  -4.421  1.00 0.00 ? 23 C A "C1'"  1 
ATOM 722 N N1     . C A 1 23 ? -9.105  -2.535  -4.698  1.00 0.00 ? 23 C A N1     1 
ATOM 723 C C2     . C A 1 23 ? -8.379  -1.413  -4.317  1.00 0.00 ? 23 C A C2     1 
ATOM 724 O O2     . C A 1 23 ? -8.944  -0.471  -3.765  1.00 0.00 ? 23 C A O2     1 
ATOM 725 N N3     . C A 1 23 ? -7.041  -1.383  -4.568  1.00 0.00 ? 23 C A N3     1 
ATOM 726 C C4     . C A 1 23 ? -6.436  -2.415  -5.169  1.00 0.00 ? 23 C A C4     1 
ATOM 727 N N4     . C A 1 23 ? -5.123  -2.328  -5.384  1.00 0.00 ? 23 C A N4     1 
ATOM 728 C C5     . C A 1 23 ? -7.176  -3.573  -5.565  1.00 0.00 ? 23 C A C5     1 
ATOM 729 C C6     . C A 1 23 ? -8.498  -3.591  -5.313  1.00 0.00 ? 23 C A C6     1 
ATOM 730 H "H5'"  . C A 1 23 ? -12.403 -6.328  -5.113  1.00 0.00 ? 23 C A "H5'"  1 
ATOM 731 H "H5''" . C A 1 23 ? -12.126 -5.779  -6.778  1.00 0.00 ? 23 C A "H5''" 1 
ATOM 732 H "H4'"  . C A 1 23 ? -12.964 -4.100  -4.878  1.00 0.00 ? 23 C A "H4'"  1 
ATOM 733 H "H3'"  . C A 1 23 ? -10.933 -3.479  -7.085  1.00 0.00 ? 23 C A "H3'"  1 
ATOM 734 H "H2'"  . C A 1 23 ? -10.772 -1.254  -6.150  1.00 0.00 ? 23 C A "H2'"  1 
ATOM 735 H "HO2'" . C A 1 23 ? -12.457 -0.383  -5.192  1.00 0.00 ? 23 C A "HO2'" 1 
ATOM 736 H "H1'"  . C A 1 23 ? -10.764 -2.022  -3.489  1.00 0.00 ? 23 C A "H1'"  1 
ATOM 737 H H41    . C A 1 23 ? -4.608  -1.530  -5.044  1.00 0.00 ? 23 C A H41    1 
ATOM 738 H H42    . C A 1 23 ? -4.643  -3.061  -5.888  1.00 0.00 ? 23 C A H42    1 
ATOM 739 H H5     . C A 1 23 ? -6.694  -4.418  -6.057  1.00 0.00 ? 23 C A H5     1 
ATOM 740 H H6     . C A 1 23 ? -9.091  -4.459  -5.602  1.00 0.00 ? 23 C A H6     1 
ATOM 741 P P      . U A 1 24 ? -13.016 -2.722  -8.626  1.00 0.00 ? 24 U A P      1 
ATOM 742 O OP1    . U A 1 24 ? -14.435 -2.742  -9.046  1.00 0.00 ? 24 U A OP1    1 
ATOM 743 O OP2    . U A 1 24 ? -12.047 -3.646  -9.256  1.00 0.00 ? 24 U A OP2    1 
ATOM 744 O "O5'"  . U A 1 24 ? -12.462 -1.220  -8.792  1.00 0.00 ? 24 U A "O5'"  1 
ATOM 745 C "C5'"  . U A 1 24 ? -13.327 -0.102  -8.579  1.00 0.00 ? 24 U A "C5'"  1 
ATOM 746 C "C4'"  . U A 1 24 ? -12.550 1.136   -8.138  1.00 0.00 ? 24 U A "C4'"  1 
ATOM 747 O "O4'"  . U A 1 24 ? -11.484 0.743   -7.270  1.00 0.00 ? 24 U A "O4'"  1 
ATOM 748 C "C3'"  . U A 1 24 ? -11.848 1.880   -9.256  1.00 0.00 ? 24 U A "C3'"  1 
ATOM 749 O "O3'"  . U A 1 24 ? -12.755 2.876   -9.737  1.00 0.00 ? 24 U A "O3'"  1 
ATOM 750 C "C2'"  . U A 1 24 ? -10.727 2.607   -8.530  1.00 0.00 ? 24 U A "C2'"  1 
ATOM 751 O "O2'"  . U A 1 24 ? -11.210 3.823   -7.952  1.00 0.00 ? 24 U A "O2'"  1 
ATOM 752 C "C1'"  . U A 1 24 ? -10.346 1.608   -7.440  1.00 0.00 ? 24 U A "C1'"  1 
ATOM 753 N N1     . U A 1 24 ? -9.173  0.790   -7.820  1.00 0.00 ? 24 U A N1     1 
ATOM 754 C C2     . U A 1 24 ? -7.921  1.364   -7.681  1.00 0.00 ? 24 U A C2     1 
ATOM 755 O O2     . U A 1 24 ? -7.762  2.504   -7.253  1.00 0.00 ? 24 U A O2     1 
ATOM 756 N N3     . U A 1 24 ? -6.849  0.576   -8.052  1.00 0.00 ? 24 U A N3     1 
ATOM 757 C C4     . U A 1 24 ? -6.917  -0.714  -8.544  1.00 0.00 ? 24 U A C4     1 
ATOM 758 O O4     . U A 1 24 ? -5.887  -1.315  -8.840  1.00 0.00 ? 24 U A O4     1 
ATOM 759 C C5     . U A 1 24 ? -8.257  -1.243  -8.660  1.00 0.00 ? 24 U A C5     1 
ATOM 760 C C6     . U A 1 24 ? -9.324  -0.486  -8.300  1.00 0.00 ? 24 U A C6     1 
ATOM 761 H "H5'"  . U A 1 24 ? -14.057 -0.360  -7.810  1.00 0.00 ? 24 U A "H5'"  1 
ATOM 762 H "H5''" . U A 1 24 ? -13.854 0.121   -9.506  1.00 0.00 ? 24 U A "H5''" 1 
ATOM 763 H "H4'"  . U A 1 24 ? -13.221 1.804   -7.597  1.00 0.00 ? 24 U A "H4'"  1 
ATOM 764 H "H3'"  . U A 1 24 ? -11.496 1.229   -10.057 1.00 0.00 ? 24 U A "H3'"  1 
ATOM 765 H "H2'"  . U A 1 24 ? -9.886  2.794   -9.194  1.00 0.00 ? 24 U A "H2'"  1 
ATOM 766 H "HO2'" . U A 1 24 ? -11.701 3.587   -7.162  1.00 0.00 ? 24 U A "HO2'" 1 
ATOM 767 H "H1'"  . U A 1 24 ? -10.142 2.123   -6.501  1.00 0.00 ? 24 U A "H1'"  1 
ATOM 768 H H3     . U A 1 24 ? -5.929  0.981   -7.956  1.00 0.00 ? 24 U A H3     1 
ATOM 769 H H5     . U A 1 24 ? -8.412  -2.253  -9.041  1.00 0.00 ? 24 U A H5     1 
ATOM 770 H H6     . U A 1 24 ? -10.327 -0.902  -8.396  1.00 0.00 ? 24 U A H6     1 
ATOM 771 P P      . U A 1 25 ? -12.745 3.308   -11.288 1.00 0.00 ? 25 U A P      1 
ATOM 772 O OP1    . U A 1 25 ? -14.025 3.989   -11.587 1.00 0.00 ? 25 U A OP1    1 
ATOM 773 O OP2    . U A 1 25 ? -12.325 2.140   -12.092 1.00 0.00 ? 25 U A OP2    1 
ATOM 774 O "O5'"  . U A 1 25 ? -11.567 4.405   -11.339 1.00 0.00 ? 25 U A "O5'"  1 
ATOM 775 C "C5'"  . U A 1 25 ? -11.849 5.783   -11.081 1.00 0.00 ? 25 U A "C5'"  1 
ATOM 776 C "C4'"  . U A 1 25 ? -10.569 6.592   -10.897 1.00 0.00 ? 25 U A "C4'"  1 
ATOM 777 O "O4'"  . U A 1 25 ? -9.646  5.841   -10.101 1.00 0.00 ? 25 U A "O4'"  1 
ATOM 778 C "C3'"  . U A 1 25 ? -9.806  6.878   -12.179 1.00 0.00 ? 25 U A "C3'"  1 
ATOM 779 O "O3'"  . U A 1 25 ? -10.247 8.151   -12.659 1.00 0.00 ? 25 U A "O3'"  1 
ATOM 780 C "C2'"  . U A 1 25 ? -8.378  7.051   -11.692 1.00 0.00 ? 25 U A "C2'"  1 
ATOM 781 O "O2'"  . U A 1 25 ? -8.183  8.363   -11.158 1.00 0.00 ? 25 U A "O2'"  1 
ATOM 782 C "C1'"  . U A 1 25 ? -8.300  6.002   -10.585 1.00 0.00 ? 25 U A "C1'"  1 
ATOM 783 N N1     . U A 1 25 ? -7.814  4.696   -11.086 1.00 0.00 ? 25 U A N1     1 
ATOM 784 C C2     . U A 1 25 ? -6.448  4.538   -11.245 1.00 0.00 ? 25 U A C2     1 
ATOM 785 O O2     . U A 1 25 ? -5.645  5.432   -10.987 1.00 0.00 ? 25 U A O2     1 
ATOM 786 N N3     . U A 1 25 ? -6.033  3.307   -11.715 1.00 0.00 ? 25 U A N3     1 
ATOM 787 C C4     . U A 1 25 ? -6.850  2.239   -12.035 1.00 0.00 ? 25 U A C4     1 
ATOM 788 O O4     . U A 1 25 ? -6.358  1.190   -12.447 1.00 0.00 ? 25 U A O4     1 
ATOM 789 C C5     . U A 1 25 ? -8.261  2.481   -11.843 1.00 0.00 ? 25 U A C5     1 
ATOM 790 C C6     . U A 1 25 ? -8.690  3.684   -11.383 1.00 0.00 ? 25 U A C6     1 
ATOM 791 H "H5'"  . U A 1 25 ? -12.452 5.860   -10.177 1.00 0.00 ? 25 U A "H5'"  1 
ATOM 792 H "H5''" . U A 1 25 ? -12.410 6.193   -11.920 1.00 0.00 ? 25 U A "H5''" 1 
ATOM 793 H "H4'"  . U A 1 25 ? -10.809 7.522   -10.379 1.00 0.00 ? 25 U A "H4'"  1 
ATOM 794 H "H3'"  . U A 1 25 ? -9.916  6.098   -12.931 1.00 0.00 ? 25 U A "H3'"  1 
ATOM 795 H "H2'"  . U A 1 25 ? -7.663  6.836   -12.484 1.00 0.00 ? 25 U A "H2'"  1 
ATOM 796 H "HO2'" . U A 1 25 ? -8.747  8.442   -10.385 1.00 0.00 ? 25 U A "HO2'" 1 
ATOM 797 H "H1'"  . U A 1 25 ? -7.661  6.344   -9.771  1.00 0.00 ? 25 U A "H1'"  1 
ATOM 798 H H3     . U A 1 25 ? -5.039  3.174   -11.835 1.00 0.00 ? 25 U A H3     1 
ATOM 799 H H5     . U A 1 25 ? -8.982  1.696   -12.067 1.00 0.00 ? 25 U A H5     1 
ATOM 800 H H6     . U A 1 25 ? -9.758  3.849   -11.246 1.00 0.00 ? 25 U A H6     1 
ATOM 801 P P      . C A 1 26 ? -10.590 8.362   -14.218 1.00 0.00 ? 26 C A P      1 
ATOM 802 O OP1    . C A 1 26 ? -11.363 9.615   -14.357 1.00 0.00 ? 26 C A OP1    1 
ATOM 803 O OP2    . C A 1 26 ? -11.138 7.093   -14.748 1.00 0.00 ? 26 C A OP2    1 
ATOM 804 O "O5'"  . C A 1 26 ? -9.135  8.593   -14.868 1.00 0.00 ? 26 C A "O5'"  1 
ATOM 805 C "C5'"  . C A 1 26 ? -8.350  9.730   -14.500 1.00 0.00 ? 26 C A "C5'"  1 
ATOM 806 C "C4'"  . C A 1 26 ? -6.918  9.614   -15.011 1.00 0.00 ? 26 C A "C4'"  1 
ATOM 807 O "O4'"  . C A 1 26 ? -6.274  8.512   -14.373 1.00 0.00 ? 26 C A "O4'"  1 
ATOM 808 C "C3'"  . C A 1 26 ? -6.789  9.297   -16.488 1.00 0.00 ? 26 C A "C3'"  1 
ATOM 809 O "O3'"  . C A 1 26 ? -6.736  10.542  -17.186 1.00 0.00 ? 26 C A "O3'"  1 
ATOM 810 C "C2'"  . C A 1 26 ? -5.406  8.669   -16.582 1.00 0.00 ? 26 C A "C2'"  1 
ATOM 811 O "O2'"  . C A 1 26 ? -4.403  9.683   -16.687 1.00 0.00 ? 26 C A "O2'"  1 
ATOM 812 C "C1'"  . C A 1 26 ? -5.285  7.932   -15.242 1.00 0.00 ? 26 C A "C1'"  1 
ATOM 813 N N1     . C A 1 26 ? -5.562  6.483   -15.376 1.00 0.00 ? 26 C A N1     1 
ATOM 814 C C2     . C A 1 26 ? -4.520  5.662   -15.785 1.00 0.00 ? 26 C A C2     1 
ATOM 815 O O2     . C A 1 26 ? -3.412  6.141   -16.017 1.00 0.00 ? 26 C A O2     1 
ATOM 816 N N3     . C A 1 26 ? -4.753  4.327   -15.920 1.00 0.00 ? 26 C A N3     1 
ATOM 817 C C4     . C A 1 26 ? -5.965  3.816   -15.664 1.00 0.00 ? 26 C A C4     1 
ATOM 818 N N4     . C A 1 26 ? -6.132  2.502   -15.814 1.00 0.00 ? 26 C A N4     1 
ATOM 819 C C5     . C A 1 26 ? -7.044  4.656   -15.244 1.00 0.00 ? 26 C A C5     1 
ATOM 820 C C6     . C A 1 26 ? -6.801  5.974   -15.113 1.00 0.00 ? 26 C A C6     1 
ATOM 821 H "H5'"  . C A 1 26 ? -8.334  9.813   -13.413 1.00 0.00 ? 26 C A "H5'"  1 
ATOM 822 H "H5''" . C A 1 26 ? -8.806  10.627  -14.919 1.00 0.00 ? 26 C A "H5''" 1 
ATOM 823 H "H4'"  . C A 1 26 ? -6.380  10.531  -14.767 1.00 0.00 ? 26 C A "H4'"  1 
ATOM 824 H "H3'"  . C A 1 26 ? -7.584  8.652   -16.864 1.00 0.00 ? 26 C A "H3'"  1 
ATOM 825 H "H2'"  . C A 1 26 ? -5.349  7.972   -17.417 1.00 0.00 ? 26 C A "H2'"  1 
ATOM 826 H "HO2'" . C A 1 26 ? -3.555  9.239   -16.769 1.00 0.00 ? 26 C A "HO2'" 1 
ATOM 827 H "H1'"  . C A 1 26 ? -4.296  8.077   -14.807 1.00 0.00 ? 26 C A "H1'"  1 
ATOM 828 H H41    . C A 1 26 ? -5.380  1.937   -16.181 1.00 0.00 ? 26 C A H41    1 
ATOM 829 H H42    . C A 1 26 ? -7.010  2.073   -15.560 1.00 0.00 ? 26 C A H42    1 
ATOM 830 H H5     . C A 1 26 ? -8.034  4.251   -15.033 1.00 0.00 ? 26 C A H5     1 
ATOM 831 H H6     . C A 1 26 ? -7.602  6.641   -14.797 1.00 0.00 ? 26 C A H6     1 
ATOM 832 P P      . C A 1 27 ? -7.265  10.649  -18.703 1.00 0.00 ? 27 C A P      1 
ATOM 833 O OP1    . C A 1 27 ? -6.940  12.000  -19.214 1.00 0.00 ? 27 C A OP1    1 
ATOM 834 O OP2    . C A 1 27 ? -8.662  10.164  -18.742 1.00 0.00 ? 27 C A OP2    1 
ATOM 835 O "O5'"  . C A 1 27 ? -6.339  9.581   -19.474 1.00 0.00 ? 27 C A "O5'"  1 
ATOM 836 C "C5'"  . C A 1 27 ? -4.960  9.865   -19.725 1.00 0.00 ? 27 C A "C5'"  1 
ATOM 837 C "C4'"  . C A 1 27 ? -4.434  9.082   -20.924 1.00 0.00 ? 27 C A "C4'"  1 
ATOM 838 O "O4'"  . C A 1 27 ? -4.032  7.781   -20.497 1.00 0.00 ? 27 C A "O4'"  1 
ATOM 839 C "C3'"  . C A 1 27 ? -5.462  8.807   -22.008 1.00 0.00 ? 27 C A "C3'"  1 
ATOM 840 O "O3'"  . C A 1 27 ? -5.568  9.922   -22.896 1.00 0.00 ? 27 C A "O3'"  1 
ATOM 841 C "C2'"  . C A 1 27 ? -4.840  7.610   -22.719 1.00 0.00 ? 27 C A "C2'"  1 
ATOM 842 O "O2'"  . C A 1 27 ? -3.848  8.044   -23.653 1.00 0.00 ? 27 C A "O2'"  1 
ATOM 843 C "C1'"  . C A 1 27 ? -4.190  6.837   -21.568 1.00 0.00 ? 27 C A "C1'"  1 
ATOM 844 N N1     . C A 1 27 ? -5.031  5.712   -21.100 1.00 0.00 ? 27 C A N1     1 
ATOM 845 C C2     . C A 1 27 ? -5.042  4.558   -21.869 1.00 0.00 ? 27 C A C2     1 
ATOM 846 O O2     . C A 1 27 ? -4.372  4.493   -22.897 1.00 0.00 ? 27 C A O2     1 
ATOM 847 N N3     . C A 1 27 ? -5.809  3.508   -21.460 1.00 0.00 ? 27 C A N3     1 
ATOM 848 C C4     . C A 1 27 ? -6.536  3.589   -20.339 1.00 0.00 ? 27 C A C4     1 
ATOM 849 N N4     . C A 1 27 ? -7.264  2.527   -19.991 1.00 0.00 ? 27 C A N4     1 
ATOM 850 C C5     . C A 1 27 ? -6.529  4.776   -19.541 1.00 0.00 ? 27 C A C5     1 
ATOM 851 C C6     . C A 1 27 ? -5.768  5.807   -19.955 1.00 0.00 ? 27 C A C6     1 
ATOM 852 H "H5'"  . C A 1 27 ? -4.377  9.600   -18.843 1.00 0.00 ? 27 C A "H5'"  1 
ATOM 853 H "H5''" . C A 1 27 ? -4.848  10.933  -19.917 1.00 0.00 ? 27 C A "H5''" 1 
ATOM 854 H "H4'"  . C A 1 27 ? -3.568  9.601   -21.338 1.00 0.00 ? 27 C A "H4'"  1 
ATOM 855 H "H3'"  . C A 1 27 ? -6.429  8.549   -21.576 1.00 0.00 ? 27 C A "H3'"  1 
ATOM 856 H "HO3'" . C A 1 27 ? -6.439  9.884   -23.299 1.00 0.00 ? 27 C A "HO3'" 1 
ATOM 857 H "H2'"  . C A 1 27 ? -5.605  7.008   -23.210 1.00 0.00 ? 27 C A "H2'"  1 
ATOM 858 H "HO2'" . C A 1 27 ? -3.098  8.363   -23.145 1.00 0.00 ? 27 C A "HO2'" 1 
ATOM 859 H "H1'"  . C A 1 27 ? -3.209  6.458   -21.858 1.00 0.00 ? 27 C A "H1'"  1 
ATOM 860 H H41    . C A 1 27 ? -7.198  1.672   -20.525 1.00 0.00 ? 27 C A H41    1 
ATOM 861 H H42    . C A 1 27 ? -7.880  2.577   -19.192 1.00 0.00 ? 27 C A H42    1 
ATOM 862 H H5     . C A 1 27 ? -7.116  4.852   -18.626 1.00 0.00 ? 27 C A H5     1 
ATOM 863 H H6     . C A 1 27 ? -5.740  6.726   -19.369 1.00 0.00 ? 27 C A H6     1 
# 
